data_4E8H
#
_entry.id   4E8H
#
_cell.length_a   57.109
_cell.length_b   90.818
_cell.length_c   87.015
_cell.angle_alpha   90.00
_cell.angle_beta   102.77
_cell.angle_gamma   90.00
#
_symmetry.space_group_name_H-M   'P 1 21 1'
#
loop_
_entity.id
_entity.type
_entity.pdbx_description
1 polymer 'Glutathione S-transferase'
2 non-polymer GLUTATHIONE
3 water water
#
_entity_poly.entity_id   1
_entity_poly.type   'polypeptide(L)'
_entity_poly.pdbx_seq_one_letter_code
;HMPVQPIKLYYLPPSPPCRAVMMTARVLELDLHLITTNIMNGEHMTPEYLKMNPQHTIPTMDDNGFILWESRAIQTYLVN
AYGKDDSLYPKNPRQRAIIDQRLNFDLGTLYLRYLNLYTPILFRGEAYDQEKADKFDEALGWLNTFLDGRPFVAGENMTV
ADITIVVTITNIDAFGYDFSSHENIAKWFERTKKMLEPYGYDEIDVTGAKMLASFLKKE
;
_entity_poly.pdbx_strand_id   A,B,C,D
#
# COMPACT_ATOMS: atom_id res chain seq x y z
N HIS A 1 20.88 -14.43 -11.61
CA HIS A 1 19.86 -14.44 -10.52
C HIS A 1 20.52 -14.59 -9.14
N MET A 2 21.78 -15.02 -9.15
CA MET A 2 22.69 -14.87 -8.02
C MET A 2 24.04 -14.44 -8.62
N PRO A 3 24.85 -13.67 -7.86
CA PRO A 3 26.12 -13.24 -8.45
C PRO A 3 27.13 -14.40 -8.65
N VAL A 4 27.95 -14.27 -9.68
CA VAL A 4 28.95 -15.29 -10.04
C VAL A 4 30.09 -15.35 -9.02
N GLN A 5 30.31 -14.23 -8.34
CA GLN A 5 31.29 -14.12 -7.28
C GLN A 5 30.71 -13.24 -6.17
N PRO A 6 31.29 -13.30 -4.94
CA PRO A 6 30.81 -12.44 -3.87
C PRO A 6 30.86 -10.97 -4.30
N ILE A 7 29.79 -10.23 -4.02
CA ILE A 7 29.75 -8.81 -4.33
C ILE A 7 30.68 -8.09 -3.36
N LYS A 8 31.57 -7.27 -3.91
CA LYS A 8 32.54 -6.54 -3.10
C LYS A 8 31.94 -5.24 -2.59
N LEU A 9 32.20 -4.93 -1.32
CA LEU A 9 31.80 -3.64 -0.77
C LEU A 9 32.99 -2.97 -0.11
N TYR A 10 33.46 -1.89 -0.73
CA TYR A 10 34.51 -1.07 -0.16
C TYR A 10 33.84 -0.19 0.90
N TYR A 11 34.26 -0.35 2.15
CA TYR A 11 33.46 0.11 3.29
C TYR A 11 34.28 0.44 4.54
N LEU A 12 33.62 0.99 5.54
CA LEU A 12 34.13 1.02 6.91
C LEU A 12 32.97 0.67 7.86
N PRO A 13 33.26 -0.12 8.93
CA PRO A 13 32.22 -0.51 9.87
C PRO A 13 31.32 0.62 10.44
N PRO A 14 31.89 1.79 10.81
CA PRO A 14 30.99 2.78 11.40
C PRO A 14 30.20 3.64 10.40
N SER A 15 30.59 3.62 9.12
CA SER A 15 29.97 4.45 8.09
C SER A 15 28.46 4.20 7.94
N PRO A 16 27.64 5.24 8.19
CA PRO A 16 26.18 5.08 8.07
C PRO A 16 25.67 4.61 6.69
N PRO A 17 26.19 5.17 5.57
CA PRO A 17 25.71 4.63 4.29
C PRO A 17 26.19 3.19 4.03
N CYS A 18 27.35 2.83 4.54
CA CYS A 18 27.83 1.45 4.46
C CYS A 18 26.93 0.49 5.23
N ARG A 19 26.53 0.89 6.44
CA ARG A 19 25.66 0.07 7.28
C ARG A 19 24.28 -0.18 6.66
N ALA A 20 23.76 0.79 5.90
CA ALA A 20 22.47 0.65 5.23
C ALA A 20 22.52 -0.45 4.16
N VAL A 21 23.55 -0.39 3.32
CA VAL A 21 23.79 -1.40 2.28
C VAL A 21 23.95 -2.80 2.89
N MET A 22 24.76 -2.88 3.95
CA MET A 22 25.10 -4.13 4.60
C MET A 22 23.89 -4.86 5.16
N MET A 23 22.99 -4.11 5.80
CA MET A 23 21.75 -4.69 6.32
C MET A 23 20.81 -5.10 5.20
N THR A 24 20.76 -4.30 4.14
CA THR A 24 19.95 -4.61 2.96
C THR A 24 20.42 -5.96 2.35
N ALA A 25 21.73 -6.12 2.22
CA ALA A 25 22.31 -7.36 1.70
C ALA A 25 21.97 -8.59 2.57
N ARG A 26 21.95 -8.41 3.89
CA ARG A 26 21.60 -9.47 4.82
C ARG A 26 20.15 -9.92 4.67
N VAL A 27 19.23 -8.96 4.53
CA VAL A 27 17.81 -9.28 4.29
C VAL A 27 17.64 -10.02 2.97
N LEU A 28 18.43 -9.64 1.97
CA LEU A 28 18.43 -10.30 0.67
C LEU A 28 19.13 -11.66 0.72
N GLU A 29 19.82 -11.92 1.84
CA GLU A 29 20.65 -13.11 2.04
C GLU A 29 21.78 -13.23 1.01
N LEU A 30 22.34 -12.07 0.66
CA LEU A 30 23.54 -11.98 -0.15
C LEU A 30 24.73 -11.83 0.79
N ASP A 31 25.78 -12.63 0.56
CA ASP A 31 26.97 -12.53 1.39
C ASP A 31 28.03 -11.67 0.69
N LEU A 32 28.24 -10.47 1.22
CA LEU A 32 29.18 -9.50 0.65
C LEU A 32 30.62 -9.79 1.06
N HIS A 33 31.55 -9.59 0.12
CA HIS A 33 32.97 -9.58 0.44
C HIS A 33 33.34 -8.16 0.87
N LEU A 34 33.43 -7.96 2.17
CA LEU A 34 33.69 -6.64 2.74
C LEU A 34 35.17 -6.31 2.63
N ILE A 35 35.47 -5.16 2.03
CA ILE A 35 36.86 -4.70 1.91
C ILE A 35 37.06 -3.40 2.69
N THR A 36 37.84 -3.49 3.76
CA THR A 36 38.12 -2.32 4.61
C THR A 36 38.86 -1.25 3.82
N THR A 37 38.23 -0.08 3.73
CA THR A 37 38.77 1.03 2.96
C THR A 37 38.93 2.23 3.89
N ASN A 38 40.13 2.35 4.46
CA ASN A 38 40.43 3.38 5.44
C ASN A 38 40.58 4.74 4.77
N ILE A 39 39.52 5.54 4.83
CA ILE A 39 39.52 6.88 4.24
C ILE A 39 40.42 7.87 4.98
N MET A 40 40.82 7.50 6.20
CA MET A 40 41.74 8.29 7.03
C MET A 40 43.20 8.02 6.65
N ASN A 41 43.43 6.90 5.96
CA ASN A 41 44.76 6.50 5.50
C ASN A 41 44.88 6.65 3.98
N GLY A 42 43.97 7.45 3.41
CA GLY A 42 43.96 7.74 1.97
C GLY A 42 43.73 6.57 1.03
N GLU A 43 43.18 5.48 1.55
CA GLU A 43 42.95 4.26 0.75
C GLU A 43 41.89 4.43 -0.34
N HIS A 44 41.10 5.50 -0.24
CA HIS A 44 40.07 5.85 -1.23
C HIS A 44 40.61 6.79 -2.32
N MET A 45 41.90 7.12 -2.22
CA MET A 45 42.50 8.16 -3.06
C MET A 45 43.66 7.67 -3.94
N THR A 46 43.87 6.35 -3.96
CA THR A 46 44.89 5.74 -4.82
C THR A 46 44.43 5.84 -6.27
N PRO A 47 45.39 5.80 -7.23
CA PRO A 47 45.03 5.75 -8.66
C PRO A 47 43.99 4.68 -8.98
N GLU A 48 44.06 3.57 -8.26
CA GLU A 48 43.16 2.43 -8.48
C GLU A 48 41.73 2.71 -8.03
N TYR A 49 41.56 3.30 -6.83
CA TYR A 49 40.22 3.64 -6.32
C TYR A 49 39.57 4.71 -7.19
N LEU A 50 40.35 5.73 -7.56
CA LEU A 50 39.85 6.85 -8.37
C LEU A 50 39.37 6.42 -9.76
N LYS A 51 40.02 5.41 -10.32
CA LYS A 51 39.61 4.82 -11.58
C LYS A 51 38.26 4.12 -11.45
N MET A 52 38.08 3.45 -10.31
CA MET A 52 36.84 2.75 -10.00
C MET A 52 35.72 3.76 -9.69
N ASN A 53 36.03 4.72 -8.82
CA ASN A 53 35.08 5.72 -8.36
C ASN A 53 35.82 7.07 -8.24
N PRO A 54 35.64 7.95 -9.25
CA PRO A 54 36.35 9.23 -9.22
C PRO A 54 35.82 10.20 -8.16
N GLN A 55 34.66 9.90 -7.60
CA GLN A 55 34.11 10.69 -6.49
C GLN A 55 34.72 10.25 -5.15
N HIS A 56 35.54 9.20 -5.19
CA HIS A 56 36.26 8.67 -4.03
C HIS A 56 35.45 8.57 -2.73
N THR A 57 34.34 7.84 -2.79
CA THR A 57 33.50 7.63 -1.62
C THR A 57 33.39 6.15 -1.23
N ILE A 58 32.99 5.92 0.02
CA ILE A 58 32.49 4.63 0.49
C ILE A 58 31.03 4.83 0.90
N PRO A 59 30.16 3.82 0.69
CA PRO A 59 30.42 2.51 0.08
C PRO A 59 30.57 2.58 -1.44
N THR A 60 31.48 1.78 -1.96
CA THR A 60 31.53 1.50 -3.39
C THR A 60 31.32 0.00 -3.56
N MET A 61 30.44 -0.35 -4.48
CA MET A 61 30.11 -1.74 -4.77
C MET A 61 30.79 -2.17 -6.07
N ASP A 62 31.25 -3.42 -6.10
CA ASP A 62 31.76 -4.04 -7.32
C ASP A 62 31.09 -5.41 -7.49
N ASP A 63 30.15 -5.49 -8.42
CA ASP A 63 29.45 -6.74 -8.72
C ASP A 63 29.92 -7.29 -10.05
N ASN A 64 30.87 -8.23 -10.00
CA ASN A 64 31.43 -8.84 -11.20
C ASN A 64 31.89 -7.78 -12.23
N GLY A 65 32.58 -6.75 -11.74
CA GLY A 65 33.09 -5.69 -12.60
C GLY A 65 32.19 -4.48 -12.79
N PHE A 66 30.90 -4.62 -12.45
CA PHE A 66 29.97 -3.49 -12.48
C PHE A 66 30.09 -2.66 -11.21
N ILE A 67 30.51 -1.40 -11.39
CA ILE A 67 30.80 -0.50 -10.28
C ILE A 67 29.61 0.41 -9.97
N LEU A 68 29.30 0.55 -8.68
CA LEU A 68 28.23 1.41 -8.23
C LEU A 68 28.56 2.04 -6.89
N TRP A 69 28.25 3.32 -6.76
CA TRP A 69 28.27 3.99 -5.46
C TRP A 69 26.96 4.73 -5.24
N GLU A 70 26.88 5.48 -4.15
CA GLU A 70 25.61 5.97 -3.58
C GLU A 70 24.84 4.83 -2.95
N SER A 71 24.83 4.82 -1.62
CA SER A 71 24.28 3.72 -0.83
C SER A 71 22.85 3.35 -1.20
N ARG A 72 22.02 4.37 -1.45
CA ARG A 72 20.62 4.14 -1.78
C ARG A 72 20.43 3.58 -3.19
N ALA A 73 21.35 3.91 -4.09
CA ALA A 73 21.39 3.31 -5.43
C ALA A 73 21.80 1.84 -5.36
N ILE A 74 22.78 1.54 -4.51
CA ILE A 74 23.21 0.17 -4.26
C ILE A 74 22.09 -0.69 -3.67
N GLN A 75 21.39 -0.16 -2.66
CA GLN A 75 20.27 -0.86 -2.02
C GLN A 75 19.23 -1.29 -3.05
N THR A 76 18.78 -0.34 -3.87
CA THR A 76 17.75 -0.62 -4.84
C THR A 76 18.25 -1.55 -5.94
N TYR A 77 19.52 -1.41 -6.32
CA TYR A 77 20.11 -2.33 -7.31
C TYR A 77 20.12 -3.78 -6.81
N LEU A 78 20.60 -3.98 -5.58
CA LEU A 78 20.64 -5.32 -4.99
C LEU A 78 19.27 -6.01 -4.98
N VAL A 79 18.22 -5.24 -4.70
CA VAL A 79 16.85 -5.78 -4.73
C VAL A 79 16.37 -6.04 -6.16
N ASN A 80 16.54 -5.06 -7.05
CA ASN A 80 16.16 -5.19 -8.46
C ASN A 80 16.84 -6.38 -9.14
N ALA A 81 18.12 -6.59 -8.82
CA ALA A 81 18.90 -7.65 -9.45
C ALA A 81 18.77 -9.01 -8.76
N TYR A 82 18.73 -9.02 -7.43
CA TYR A 82 18.90 -10.27 -6.67
C TYR A 82 17.82 -10.62 -5.65
N GLY A 83 16.76 -9.81 -5.57
CA GLY A 83 15.62 -10.11 -4.69
C GLY A 83 14.87 -11.36 -5.15
N LYS A 84 14.47 -12.19 -4.20
CA LYS A 84 13.70 -13.41 -4.51
C LYS A 84 12.31 -13.04 -5.00
N ASP A 85 11.76 -11.99 -4.42
CA ASP A 85 10.65 -11.24 -4.99
C ASP A 85 10.95 -9.75 -4.80
N ASP A 86 9.97 -8.90 -5.10
CA ASP A 86 10.18 -7.45 -5.02
C ASP A 86 9.67 -6.81 -3.71
N SER A 87 9.53 -7.61 -2.65
CA SER A 87 8.93 -7.13 -1.38
C SER A 87 9.61 -5.90 -0.79
N LEU A 88 10.93 -5.89 -0.80
CA LEU A 88 11.70 -4.77 -0.27
C LEU A 88 11.59 -3.52 -1.14
N TYR A 89 11.27 -3.70 -2.42
CA TYR A 89 11.23 -2.57 -3.36
C TYR A 89 10.29 -2.88 -4.53
N PRO A 90 8.97 -2.80 -4.29
CA PRO A 90 7.97 -3.25 -5.26
C PRO A 90 8.04 -2.52 -6.60
N LYS A 91 7.74 -3.27 -7.65
CA LYS A 91 7.79 -2.74 -9.01
C LYS A 91 6.55 -1.93 -9.36
N ASN A 92 5.46 -2.16 -8.64
CA ASN A 92 4.25 -1.37 -8.78
C ASN A 92 4.62 0.12 -8.70
N PRO A 93 4.31 0.89 -9.76
CA PRO A 93 4.79 2.28 -9.87
C PRO A 93 4.46 3.18 -8.69
N ARG A 94 3.24 3.11 -8.19
CA ARG A 94 2.82 3.98 -7.08
C ARG A 94 3.46 3.58 -5.75
N GLN A 95 3.50 2.27 -5.49
CA GLN A 95 4.18 1.75 -4.31
C GLN A 95 5.66 2.11 -4.36
N ARG A 96 6.27 1.95 -5.53
CA ARG A 96 7.69 2.29 -5.71
C ARG A 96 7.95 3.79 -5.52
N ALA A 97 7.06 4.61 -6.06
CA ALA A 97 7.17 6.06 -5.96
C ALA A 97 7.21 6.57 -4.52
N ILE A 98 6.36 6.02 -3.65
CA ILE A 98 6.37 6.40 -2.23
C ILE A 98 7.72 6.06 -1.60
N ILE A 99 8.23 4.87 -1.89
CA ILE A 99 9.55 4.46 -1.44
C ILE A 99 10.63 5.42 -1.93
N ASP A 100 10.60 5.76 -3.22
CA ASP A 100 11.59 6.67 -3.81
C ASP A 100 11.57 8.06 -3.17
N GLN A 101 10.39 8.57 -2.83
CA GLN A 101 10.30 9.86 -2.12
C GLN A 101 10.89 9.76 -0.71
N ARG A 102 10.64 8.64 -0.03
CA ARG A 102 11.23 8.41 1.29
C ARG A 102 12.76 8.32 1.23
N LEU A 103 13.29 7.72 0.16
CA LEU A 103 14.74 7.63 -0.06
C LEU A 103 15.36 9.00 -0.35
N ASN A 104 14.67 9.79 -1.17
CA ASN A 104 15.04 11.18 -1.43
C ASN A 104 14.95 12.03 -0.15
N PHE A 105 13.90 11.78 0.65
CA PHE A 105 13.76 12.41 1.97
C PHE A 105 14.95 12.07 2.84
N ASP A 106 15.33 10.79 2.85
CA ASP A 106 16.44 10.33 3.67
C ASP A 106 17.73 11.05 3.31
N LEU A 107 18.06 11.07 2.02
CA LEU A 107 19.30 11.68 1.55
C LEU A 107 19.28 13.20 1.69
N GLY A 108 18.26 13.83 1.12
CA GLY A 108 18.21 15.28 1.01
C GLY A 108 17.80 16.04 2.26
N THR A 109 17.12 15.36 3.19
CA THR A 109 16.57 16.03 4.38
C THR A 109 17.11 15.44 5.70
N LEU A 110 16.67 14.22 6.03
CA LEU A 110 16.99 13.60 7.33
C LEU A 110 18.48 13.39 7.55
N TYR A 111 19.12 12.66 6.63
CA TYR A 111 20.56 12.39 6.77
C TYR A 111 21.39 13.66 6.71
N LEU A 112 21.07 14.57 5.78
CA LEU A 112 21.77 15.84 5.66
C LEU A 112 21.64 16.66 6.95
N ARG A 113 20.44 16.75 7.49
CA ARG A 113 20.23 17.50 8.74
C ARG A 113 20.88 16.79 9.93
N TYR A 114 20.92 15.46 9.89
CA TYR A 114 21.68 14.68 10.87
C TYR A 114 23.18 15.01 10.84
N LEU A 115 23.74 15.08 9.63
CA LEU A 115 25.15 15.40 9.43
C LEU A 115 25.49 16.80 9.96
N ASN A 116 24.65 17.77 9.60
CA ASN A 116 24.84 19.15 10.01
C ASN A 116 24.77 19.33 11.53
N LEU A 117 23.92 18.53 12.18
CA LEU A 117 23.82 18.58 13.64
C LEU A 117 25.01 17.93 14.33
N TYR A 118 25.31 16.68 13.98
CA TYR A 118 26.24 15.86 14.76
C TYR A 118 27.72 15.88 14.36
N THR A 119 28.04 16.39 13.18
CA THR A 119 29.45 16.48 12.74
C THR A 119 30.31 17.36 13.68
N PRO A 120 29.83 18.57 14.04
CA PRO A 120 30.64 19.39 14.95
C PRO A 120 30.76 18.80 16.35
N ILE A 121 29.78 17.99 16.74
CA ILE A 121 29.70 17.45 18.10
C ILE A 121 30.59 16.23 18.28
N LEU A 122 30.40 15.23 17.42
CA LEU A 122 31.22 14.02 17.45
C LEU A 122 32.70 14.32 17.30
N PHE A 123 33.02 15.37 16.54
CA PHE A 123 34.41 15.64 16.22
C PHE A 123 35.06 16.78 17.02
N ARG A 124 34.57 18.00 16.81
CA ARG A 124 35.20 19.17 17.43
C ARG A 124 34.48 19.58 18.72
N ALA A 127 29.61 22.51 19.91
CA ALA A 127 28.28 22.27 20.49
C ALA A 127 27.20 22.23 19.42
N TYR A 128 25.99 21.87 19.84
CA TYR A 128 24.84 21.81 18.95
C TYR A 128 24.38 23.21 18.56
N ASP A 129 24.70 23.60 17.32
CA ASP A 129 24.20 24.86 16.77
C ASP A 129 22.68 24.80 16.79
N GLN A 130 22.07 25.90 17.23
CA GLN A 130 20.64 25.94 17.49
C GLN A 130 19.79 25.72 16.25
N GLU A 131 20.14 26.40 15.15
CA GLU A 131 19.39 26.27 13.91
C GLU A 131 19.48 24.84 13.36
N LYS A 132 20.64 24.23 13.51
CA LYS A 132 20.86 22.85 13.05
C LYS A 132 20.03 21.86 13.87
N ALA A 133 19.96 22.06 15.18
CA ALA A 133 19.12 21.26 16.07
C ALA A 133 17.64 21.40 15.68
N ASP A 134 17.22 22.64 15.41
CA ASP A 134 15.86 22.97 14.99
C ASP A 134 15.49 22.25 13.69
N LYS A 135 16.37 22.31 12.70
CA LYS A 135 16.16 21.66 11.40
C LYS A 135 16.03 20.15 11.50
N PHE A 136 16.88 19.53 12.32
CA PHE A 136 16.82 18.08 12.48
C PHE A 136 15.54 17.65 13.19
N ASP A 137 15.17 18.38 14.25
CA ASP A 137 13.92 18.14 14.94
C ASP A 137 12.72 18.25 13.99
N GLU A 138 12.77 19.23 13.08
CA GLU A 138 11.72 19.42 12.07
C GLU A 138 11.59 18.20 11.16
N ALA A 139 12.73 17.65 10.75
CA ALA A 139 12.76 16.45 9.91
C ALA A 139 12.15 15.24 10.63
N LEU A 140 12.42 15.11 11.92
CA LEU A 140 11.83 14.03 12.72
C LEU A 140 10.31 14.15 12.81
N GLY A 141 9.81 15.38 12.90
CA GLY A 141 8.37 15.63 12.91
C GLY A 141 7.72 15.13 11.63
N TRP A 142 8.37 15.39 10.51
CA TRP A 142 7.89 14.93 9.21
C TRP A 142 7.89 13.40 9.11
N LEU A 143 8.97 12.77 9.55
CA LEU A 143 9.06 11.30 9.59
C LEU A 143 7.93 10.68 10.42
N ASN A 144 7.66 11.27 11.58
CA ASN A 144 6.57 10.85 12.46
C ASN A 144 5.22 10.90 11.74
N THR A 145 5.00 11.97 10.97
CA THR A 145 3.78 12.14 10.18
C THR A 145 3.70 11.12 9.05
N PHE A 146 4.83 10.88 8.38
CA PHE A 146 4.91 9.84 7.34
C PHE A 146 4.44 8.51 7.88
N LEU A 147 4.70 8.27 9.17
CA LEU A 147 4.36 7.00 9.82
C LEU A 147 2.95 6.94 10.37
N ASP A 148 2.14 7.98 10.20
CA ASP A 148 0.78 7.94 10.72
C ASP A 148 -0.14 7.07 9.86
N GLY A 149 -0.77 6.09 10.52
CA GLY A 149 -1.68 5.15 9.85
C GLY A 149 -1.01 3.97 9.18
N ARG A 150 0.31 3.89 9.27
CA ARG A 150 1.08 2.80 8.65
C ARG A 150 2.21 2.29 9.57
N PRO A 151 2.50 0.97 9.52
CA PRO A 151 3.56 0.40 10.37
C PRO A 151 4.98 0.66 9.86
N PHE A 152 5.14 0.88 8.56
CA PHE A 152 6.46 1.17 7.99
C PHE A 152 6.40 2.48 7.19
N VAL A 153 7.58 3.05 6.88
CA VAL A 153 7.65 4.42 6.35
C VAL A 153 6.93 4.63 5.02
N ALA A 154 6.86 3.59 4.19
CA ALA A 154 6.25 3.70 2.87
C ALA A 154 5.03 2.80 2.68
N GLY A 155 4.57 2.16 3.75
CA GLY A 155 3.37 1.31 3.68
C GLY A 155 3.29 0.22 4.75
N GLU A 156 2.70 -0.92 4.38
CA GLU A 156 2.40 -2.01 5.31
C GLU A 156 3.57 -2.95 5.57
N ASN A 157 4.56 -2.92 4.69
CA ASN A 157 5.70 -3.81 4.77
C ASN A 157 7.00 -3.03 4.84
N MET A 158 8.01 -3.65 5.46
CA MET A 158 9.34 -3.04 5.52
C MET A 158 9.98 -3.00 4.14
N THR A 159 10.58 -1.87 3.80
CA THR A 159 11.22 -1.67 2.50
C THR A 159 12.64 -1.15 2.71
N VAL A 160 13.39 -0.99 1.61
CA VAL A 160 14.74 -0.42 1.66
C VAL A 160 14.78 0.96 2.32
N ALA A 161 13.67 1.71 2.23
CA ALA A 161 13.57 3.02 2.86
C ALA A 161 13.67 2.93 4.38
N ASP A 162 13.00 1.93 4.97
CA ASP A 162 13.07 1.71 6.42
C ASP A 162 14.50 1.39 6.85
N ILE A 163 15.20 0.62 6.02
CA ILE A 163 16.54 0.15 6.33
C ILE A 163 17.56 1.30 6.36
N THR A 164 17.48 2.24 5.42
CA THR A 164 18.40 3.37 5.47
C THR A 164 18.02 4.43 6.51
N ILE A 165 16.73 4.64 6.75
CA ILE A 165 16.28 5.60 7.76
C ILE A 165 16.64 5.16 9.18
N VAL A 166 16.54 3.85 9.44
CA VAL A 166 16.83 3.31 10.78
C VAL A 166 18.29 3.48 11.22
N VAL A 167 19.21 3.54 10.26
CA VAL A 167 20.61 3.78 10.58
C VAL A 167 20.74 5.11 11.31
N THR A 168 20.09 6.15 10.79
CA THR A 168 20.13 7.47 11.42
C THR A 168 19.52 7.43 12.83
N ILE A 169 18.42 6.71 13.00
CA ILE A 169 17.76 6.61 14.30
C ILE A 169 18.61 5.80 15.31
N THR A 170 19.24 4.72 14.84
CA THR A 170 20.18 3.94 15.66
C THR A 170 21.32 4.84 16.16
N ASN A 171 21.83 5.69 15.27
CA ASN A 171 22.88 6.65 15.61
C ASN A 171 22.46 7.64 16.71
N ILE A 172 21.37 8.37 16.49
CA ILE A 172 20.96 9.41 17.46
C ILE A 172 20.59 8.78 18.81
N ASP A 173 20.03 7.58 18.76
CA ASP A 173 19.73 6.80 19.95
C ASP A 173 21.00 6.49 20.73
N ALA A 174 22.06 6.09 20.02
CA ALA A 174 23.34 5.80 20.65
C ALA A 174 24.01 7.06 21.20
N PHE A 175 23.68 8.21 20.63
CA PHE A 175 24.23 9.49 21.07
C PHE A 175 23.46 10.12 22.24
N GLY A 176 22.37 9.48 22.67
CA GLY A 176 21.56 10.00 23.77
C GLY A 176 20.48 10.99 23.38
N TYR A 177 20.12 10.99 22.10
CA TYR A 177 19.00 11.81 21.59
C TYR A 177 17.69 11.09 21.93
N ASP A 178 16.81 11.80 22.63
CA ASP A 178 15.52 11.24 23.02
C ASP A 178 14.45 11.67 22.01
N PHE A 179 13.94 10.71 21.25
CA PHE A 179 12.90 10.96 20.26
C PHE A 179 11.56 10.31 20.63
N SER A 180 11.39 9.96 21.91
CA SER A 180 10.18 9.26 22.35
C SER A 180 8.89 10.10 22.20
N SER A 181 9.04 11.42 22.21
CA SER A 181 7.88 12.32 22.05
C SER A 181 7.31 12.24 20.62
N HIS A 182 8.12 11.76 19.69
CA HIS A 182 7.65 11.39 18.36
C HIS A 182 7.10 9.95 18.45
N GLU A 183 5.83 9.83 18.81
CA GLU A 183 5.24 8.54 19.18
C GLU A 183 5.31 7.46 18.10
N ASN A 184 5.10 7.85 16.85
CA ASN A 184 5.17 6.91 15.73
C ASN A 184 6.58 6.39 15.46
N ILE A 185 7.56 7.30 15.49
CA ILE A 185 8.97 6.93 15.34
C ILE A 185 9.40 5.96 16.44
N ALA A 186 9.02 6.26 17.68
CA ALA A 186 9.35 5.42 18.84
C ALA A 186 8.91 3.98 18.65
N LYS A 187 7.66 3.78 18.22
CA LYS A 187 7.12 2.44 17.98
C LYS A 187 7.67 1.79 16.72
N TRP A 188 7.83 2.58 15.66
CA TRP A 188 8.41 2.08 14.41
C TRP A 188 9.86 1.64 14.61
N PHE A 189 10.58 2.34 15.48
CA PHE A 189 11.97 2.01 15.79
C PHE A 189 12.11 0.65 16.46
N GLU A 190 11.29 0.40 17.49
CA GLU A 190 11.26 -0.91 18.15
C GLU A 190 10.86 -2.02 17.18
N ARG A 191 9.84 -1.73 16.36
CA ARG A 191 9.32 -2.63 15.34
C ARG A 191 10.39 -3.04 14.32
N THR A 192 11.09 -2.04 13.79
CA THR A 192 12.09 -2.22 12.76
C THR A 192 13.35 -2.93 13.30
N LYS A 193 13.73 -2.62 14.54
CA LYS A 193 14.83 -3.31 15.20
C LYS A 193 14.57 -4.82 15.25
N LYS A 194 13.34 -5.19 15.60
CA LYS A 194 12.93 -6.59 15.68
C LYS A 194 12.88 -7.26 14.30
N MET A 195 12.43 -6.52 13.29
CA MET A 195 12.42 -7.01 11.91
C MET A 195 13.83 -7.32 11.43
N LEU A 196 14.78 -6.46 11.81
CA LEU A 196 16.16 -6.56 11.35
C LEU A 196 17.05 -7.43 12.25
N GLU A 197 16.53 -7.81 13.41
CA GLU A 197 17.27 -8.62 14.40
C GLU A 197 17.97 -9.87 13.81
N PRO A 198 17.25 -10.70 13.03
CA PRO A 198 17.90 -11.88 12.43
C PRO A 198 18.82 -11.54 11.25
N TYR A 199 18.89 -10.27 10.88
CA TYR A 199 19.67 -9.85 9.72
C TYR A 199 20.82 -8.90 10.08
N GLY A 200 21.45 -9.17 11.21
CA GLY A 200 22.69 -8.49 11.61
C GLY A 200 22.54 -7.08 12.15
N TYR A 201 21.36 -6.75 12.68
CA TYR A 201 21.14 -5.40 13.24
C TYR A 201 22.19 -5.04 14.29
N ASP A 202 22.44 -5.95 15.22
CA ASP A 202 23.44 -5.75 16.26
C ASP A 202 24.85 -5.75 15.70
N GLU A 203 25.15 -6.75 14.88
CA GLU A 203 26.46 -6.92 14.26
C GLU A 203 26.84 -5.74 13.36
N ILE A 204 25.85 -5.20 12.64
CA ILE A 204 26.10 -4.13 11.68
C ILE A 204 25.79 -2.74 12.26
N ASP A 205 24.52 -2.51 12.61
CA ASP A 205 24.06 -1.17 12.96
C ASP A 205 24.42 -0.73 14.37
N VAL A 206 24.12 -1.55 15.37
CA VAL A 206 24.42 -1.22 16.77
C VAL A 206 25.94 -1.06 16.96
N THR A 207 26.69 -2.03 16.42
CA THR A 207 28.15 -2.03 16.47
C THR A 207 28.75 -0.78 15.83
N GLY A 208 28.21 -0.41 14.66
CA GLY A 208 28.64 0.80 13.96
C GLY A 208 28.34 2.07 14.73
N ALA A 209 27.14 2.13 15.32
CA ALA A 209 26.73 3.29 16.12
C ALA A 209 27.61 3.49 17.36
N LYS A 210 27.98 2.38 18.00
CA LYS A 210 28.84 2.43 19.18
C LYS A 210 30.24 2.94 18.85
N MET A 211 30.71 2.62 17.64
CA MET A 211 31.99 3.12 17.15
C MET A 211 31.97 4.63 16.94
N LEU A 212 30.87 5.15 16.39
CA LEU A 212 30.69 6.60 16.24
C LEU A 212 30.50 7.30 17.59
N ALA A 213 29.76 6.64 18.49
CA ALA A 213 29.51 7.16 19.83
C ALA A 213 30.78 7.29 20.68
N SER A 214 31.77 6.43 20.42
CA SER A 214 33.03 6.43 21.18
C SER A 214 33.70 7.80 21.19
N PHE A 215 33.36 8.64 20.20
CA PHE A 215 33.85 10.00 20.09
C PHE A 215 33.23 10.96 21.12
N LEU A 216 32.06 10.61 21.63
CA LEU A 216 31.40 11.41 22.66
C LEU A 216 32.00 11.21 24.05
N HIS B 1 -2.66 3.12 -19.48
CA HIS B 1 -1.24 3.58 -19.65
C HIS B 1 -1.15 5.11 -19.80
N MET B 2 -2.27 5.78 -19.59
CA MET B 2 -2.33 7.24 -19.53
C MET B 2 -3.14 7.63 -18.29
N PRO B 3 -2.85 8.80 -17.70
CA PRO B 3 -3.67 9.23 -16.57
C PRO B 3 -5.11 9.50 -17.02
N VAL B 4 -6.06 9.27 -16.13
CA VAL B 4 -7.49 9.36 -16.48
C VAL B 4 -7.97 10.80 -16.63
N GLN B 5 -7.27 11.72 -15.96
CA GLN B 5 -7.39 13.15 -16.19
C GLN B 5 -5.99 13.74 -16.05
N PRO B 6 -5.79 14.98 -16.53
CA PRO B 6 -4.46 15.60 -16.43
C PRO B 6 -3.90 15.59 -15.02
N ILE B 7 -2.62 15.24 -14.90
CA ILE B 7 -1.91 15.26 -13.63
C ILE B 7 -1.74 16.71 -13.19
N LYS B 8 -1.93 16.96 -11.90
CA LYS B 8 -1.76 18.30 -11.34
C LYS B 8 -0.37 18.47 -10.76
N LEU B 9 0.21 19.65 -10.96
CA LEU B 9 1.50 19.98 -10.37
C LEU B 9 1.44 21.32 -9.66
N TYR B 10 1.64 21.28 -8.35
CA TYR B 10 1.77 22.50 -7.55
C TYR B 10 3.21 22.97 -7.68
N TYR B 11 3.40 24.20 -8.14
CA TYR B 11 4.71 24.64 -8.64
C TYR B 11 4.90 26.16 -8.60
N LEU B 12 6.11 26.59 -8.95
CA LEU B 12 6.38 27.98 -9.36
C LEU B 12 7.35 27.92 -10.54
N PRO B 13 7.16 28.79 -11.55
CA PRO B 13 8.00 28.71 -12.76
C PRO B 13 9.54 28.71 -12.56
N PRO B 14 10.08 29.52 -11.61
CA PRO B 14 11.54 29.52 -11.51
C PRO B 14 12.17 28.38 -10.68
N SER B 15 11.34 27.65 -9.94
CA SER B 15 11.81 26.57 -9.05
C SER B 15 12.54 25.45 -9.81
N PRO B 16 13.83 25.22 -9.50
CA PRO B 16 14.59 24.16 -10.18
C PRO B 16 13.94 22.76 -10.17
N PRO B 17 13.51 22.25 -8.99
CA PRO B 17 12.84 20.95 -9.01
C PRO B 17 11.55 20.91 -9.84
N CYS B 18 10.75 21.98 -9.79
CA CYS B 18 9.55 22.06 -10.63
C CYS B 18 9.89 21.96 -12.11
N ARG B 19 10.95 22.65 -12.52
CA ARG B 19 11.39 22.67 -13.91
C ARG B 19 11.86 21.31 -14.42
N ALA B 20 12.53 20.54 -13.58
CA ALA B 20 12.94 19.17 -13.93
C ALA B 20 11.72 18.29 -14.18
N VAL B 21 10.70 18.41 -13.33
CA VAL B 21 9.45 17.65 -13.49
C VAL B 21 8.73 18.05 -14.79
N MET B 22 8.62 19.36 -15.02
CA MET B 22 7.87 19.89 -16.18
C MET B 22 8.45 19.44 -17.51
N MET B 23 9.78 19.43 -17.61
CA MET B 23 10.45 18.95 -18.82
C MET B 23 10.33 17.43 -18.97
N THR B 24 10.36 16.69 -17.87
CA THR B 24 10.17 15.24 -17.91
C THR B 24 8.78 14.90 -18.45
N ALA B 25 7.76 15.62 -17.98
CA ALA B 25 6.39 15.44 -18.45
C ALA B 25 6.21 15.75 -19.93
N ARG B 26 6.92 16.76 -20.42
CA ARG B 26 6.86 17.11 -21.84
C ARG B 26 7.46 16.00 -22.72
N VAL B 27 8.61 15.49 -22.32
CA VAL B 27 9.28 14.40 -23.05
C VAL B 27 8.41 13.14 -23.11
N LEU B 28 7.64 12.91 -22.05
CA LEU B 28 6.71 11.79 -21.97
C LEU B 28 5.35 12.12 -22.59
N GLU B 29 5.19 13.39 -23.01
CA GLU B 29 3.97 13.88 -23.66
C GLU B 29 2.73 13.80 -22.76
N LEU B 30 2.92 14.18 -21.50
CA LEU B 30 1.84 14.27 -20.53
C LEU B 30 1.54 15.75 -20.29
N ASP B 31 0.28 16.15 -20.41
CA ASP B 31 -0.08 17.51 -20.05
C ASP B 31 -0.25 17.61 -18.55
N LEU B 32 0.40 18.62 -17.98
CA LEU B 32 0.25 18.89 -16.57
C LEU B 32 -0.69 20.08 -16.43
N HIS B 33 -1.63 19.98 -15.50
CA HIS B 33 -2.40 21.13 -15.09
C HIS B 33 -1.65 21.79 -13.95
N LEU B 34 -0.99 22.90 -14.30
CA LEU B 34 -0.08 23.61 -13.41
C LEU B 34 -0.87 24.51 -12.47
N ILE B 35 -0.57 24.42 -11.19
CA ILE B 35 -1.22 25.25 -10.18
C ILE B 35 -0.17 26.08 -9.45
N THR B 36 -0.18 27.37 -9.73
CA THR B 36 0.73 28.33 -9.09
C THR B 36 0.57 28.27 -7.58
N THR B 37 1.67 28.03 -6.88
CA THR B 37 1.65 27.92 -5.43
C THR B 37 2.62 28.93 -4.82
N ASN B 38 2.06 30.05 -4.37
CA ASN B 38 2.82 31.18 -3.86
C ASN B 38 3.40 30.90 -2.47
N ILE B 39 4.69 30.55 -2.44
CA ILE B 39 5.42 30.29 -1.20
C ILE B 39 5.43 31.52 -0.30
N MET B 40 5.77 32.66 -0.89
CA MET B 40 5.80 33.95 -0.19
C MET B 40 4.53 34.21 0.62
N ASN B 41 3.37 33.94 0.02
CA ASN B 41 2.08 34.19 0.65
C ASN B 41 1.60 33.09 1.60
N GLY B 42 2.39 32.03 1.72
CA GLY B 42 2.06 30.91 2.59
C GLY B 42 0.99 29.98 2.02
N GLU B 43 0.85 29.98 0.70
CA GLU B 43 -0.12 29.11 0.01
C GLU B 43 0.20 27.63 0.16
N HIS B 44 1.46 27.33 0.46
CA HIS B 44 1.91 25.97 0.74
C HIS B 44 1.70 25.59 2.22
N MET B 45 1.21 26.54 3.01
CA MET B 45 1.09 26.35 4.47
C MET B 45 -0.36 26.29 4.99
N THR B 46 -1.33 26.24 4.08
CA THR B 46 -2.75 26.12 4.46
C THR B 46 -2.99 24.72 5.04
N PRO B 47 -4.04 24.56 5.89
CA PRO B 47 -4.42 23.23 6.35
C PRO B 47 -4.65 22.23 5.21
N GLU B 48 -5.15 22.71 4.08
CA GLU B 48 -5.39 21.89 2.89
C GLU B 48 -4.11 21.38 2.26
N TYR B 49 -3.13 22.27 2.07
CA TYR B 49 -1.85 21.90 1.49
C TYR B 49 -1.09 20.96 2.41
N LEU B 50 -1.11 21.24 3.71
CA LEU B 50 -0.41 20.43 4.71
C LEU B 50 -0.98 19.02 4.81
N LYS B 51 -2.31 18.90 4.68
CA LYS B 51 -2.98 17.59 4.61
C LYS B 51 -2.47 16.80 3.40
N MET B 52 -2.36 17.47 2.26
CA MET B 52 -1.84 16.87 1.04
C MET B 52 -0.35 16.52 1.17
N ASN B 53 0.45 17.49 1.60
CA ASN B 53 1.89 17.33 1.73
C ASN B 53 2.37 17.96 3.04
N PRO B 54 2.56 17.13 4.09
CA PRO B 54 2.98 17.65 5.40
C PRO B 54 4.35 18.34 5.38
N GLN B 55 5.16 18.05 4.37
CA GLN B 55 6.47 18.69 4.21
C GLN B 55 6.33 20.07 3.53
N HIS B 56 5.13 20.40 3.06
CA HIS B 56 4.83 21.69 2.43
C HIS B 56 5.91 22.17 1.46
N THR B 57 6.23 21.32 0.48
CA THR B 57 7.19 21.64 -0.56
C THR B 57 6.50 21.74 -1.92
N ILE B 58 7.17 22.43 -2.84
CA ILE B 58 6.89 22.33 -4.26
C ILE B 58 8.16 21.77 -4.94
N PRO B 59 8.00 20.94 -5.99
CA PRO B 59 6.75 20.49 -6.61
C PRO B 59 6.02 19.42 -5.79
N THR B 60 4.70 19.46 -5.84
CA THR B 60 3.88 18.37 -5.34
C THR B 60 2.96 17.94 -6.48
N MET B 61 2.97 16.64 -6.77
CA MET B 61 2.16 16.08 -7.84
C MET B 61 0.88 15.47 -7.29
N ASP B 62 -0.23 15.71 -7.99
CA ASP B 62 -1.49 15.01 -7.74
C ASP B 62 -1.95 14.31 -9.02
N ASP B 63 -1.63 13.02 -9.13
CA ASP B 63 -2.11 12.18 -10.21
C ASP B 63 -3.43 11.55 -9.78
N ASN B 64 -4.51 12.27 -10.03
CA ASN B 64 -5.86 11.75 -9.86
C ASN B 64 -6.10 11.13 -8.47
N GLY B 65 -5.63 11.84 -7.44
CA GLY B 65 -5.76 11.38 -6.06
C GLY B 65 -4.48 10.87 -5.43
N PHE B 66 -3.55 10.41 -6.28
CA PHE B 66 -2.25 9.95 -5.79
C PHE B 66 -1.29 11.14 -5.66
N ILE B 67 -0.87 11.38 -4.42
CA ILE B 67 0.01 12.51 -4.09
C ILE B 67 1.46 12.06 -4.00
N LEU B 68 2.36 12.84 -4.60
CA LEU B 68 3.79 12.60 -4.51
C LEU B 68 4.58 13.91 -4.52
N TRP B 69 5.63 13.98 -3.70
CA TRP B 69 6.58 15.08 -3.79
C TRP B 69 8.02 14.53 -3.89
N GLU B 70 9.00 15.43 -3.92
CA GLU B 70 10.39 15.14 -4.34
C GLU B 70 10.44 15.00 -5.86
N SER B 71 11.08 15.98 -6.51
CA SER B 71 11.14 16.06 -7.97
C SER B 71 11.64 14.78 -8.63
N ARG B 72 12.68 14.17 -8.06
CA ARG B 72 13.33 13.01 -8.68
C ARG B 72 12.50 11.73 -8.54
N ALA B 73 11.71 11.63 -7.48
CA ALA B 73 10.72 10.54 -7.32
C ALA B 73 9.54 10.72 -8.29
N ILE B 74 9.13 11.98 -8.48
CA ILE B 74 8.08 12.31 -9.45
C ILE B 74 8.52 11.95 -10.87
N GLN B 75 9.72 12.37 -11.25
CA GLN B 75 10.30 12.06 -12.56
C GLN B 75 10.27 10.57 -12.87
N THR B 76 10.80 9.77 -11.94
CA THR B 76 10.90 8.32 -12.14
C THR B 76 9.52 7.67 -12.14
N TYR B 77 8.61 8.16 -11.31
CA TYR B 77 7.23 7.69 -11.30
C TYR B 77 6.52 7.90 -12.64
N LEU B 78 6.69 9.07 -13.23
CA LEU B 78 6.06 9.37 -14.52
C LEU B 78 6.52 8.42 -15.61
N VAL B 79 7.81 8.07 -15.59
CA VAL B 79 8.33 7.08 -16.53
C VAL B 79 7.83 5.66 -16.21
N ASN B 80 7.93 5.23 -14.94
CA ASN B 80 7.46 3.90 -14.54
C ASN B 80 6.00 3.65 -14.87
N ALA B 81 5.16 4.66 -14.64
CA ALA B 81 3.72 4.54 -14.82
C ALA B 81 3.23 4.86 -16.23
N TYR B 82 3.87 5.81 -16.90
CA TYR B 82 3.28 6.37 -18.13
C TYR B 82 4.18 6.46 -19.36
N GLY B 83 5.43 6.01 -19.24
CA GLY B 83 6.33 5.97 -20.39
C GLY B 83 5.79 5.05 -21.47
N LYS B 84 5.90 5.47 -22.72
CA LYS B 84 5.50 4.63 -23.86
C LYS B 84 6.52 3.50 -24.00
N ASP B 85 7.71 3.79 -23.49
CA ASP B 85 8.77 2.81 -23.28
C ASP B 85 9.57 3.28 -22.07
N ASP B 86 10.62 2.52 -21.72
CA ASP B 86 11.42 2.84 -20.55
C ASP B 86 12.76 3.50 -20.88
N SER B 87 12.89 4.07 -22.08
CA SER B 87 14.17 4.64 -22.53
C SER B 87 14.73 5.74 -21.62
N LEU B 88 13.84 6.54 -21.04
CA LEU B 88 14.21 7.60 -20.10
C LEU B 88 14.63 7.07 -18.72
N TYR B 89 14.32 5.80 -18.46
CA TYR B 89 14.56 5.19 -17.15
C TYR B 89 14.41 3.67 -17.28
N PRO B 90 15.36 3.01 -17.97
CA PRO B 90 15.25 1.59 -18.31
C PRO B 90 15.13 0.67 -17.12
N LYS B 91 14.53 -0.50 -17.35
CA LYS B 91 14.22 -1.43 -16.26
C LYS B 91 15.36 -2.40 -15.97
N ASN B 92 16.27 -2.55 -16.92
CA ASN B 92 17.50 -3.30 -16.73
C ASN B 92 18.17 -2.82 -15.44
N PRO B 93 18.38 -3.74 -14.48
CA PRO B 93 18.90 -3.35 -13.17
C PRO B 93 20.20 -2.54 -13.19
N ARG B 94 21.14 -2.90 -14.07
CA ARG B 94 22.42 -2.20 -14.16
C ARG B 94 22.28 -0.78 -14.73
N GLN B 95 21.54 -0.63 -15.82
CA GLN B 95 21.26 0.68 -16.40
C GLN B 95 20.43 1.56 -15.46
N ARG B 96 19.46 0.96 -14.77
CA ARG B 96 18.66 1.67 -13.79
C ARG B 96 19.51 2.14 -12.61
N ALA B 97 20.43 1.28 -12.16
CA ALA B 97 21.32 1.58 -11.03
C ALA B 97 22.21 2.80 -11.29
N ILE B 98 22.78 2.88 -12.49
CA ILE B 98 23.62 4.03 -12.89
C ILE B 98 22.81 5.32 -12.85
N ILE B 99 21.59 5.28 -13.40
CA ILE B 99 20.68 6.43 -13.36
C ILE B 99 20.40 6.81 -11.91
N ASP B 100 20.13 5.82 -11.06
CA ASP B 100 19.84 6.09 -9.65
C ASP B 100 21.00 6.75 -8.92
N GLN B 101 22.23 6.32 -9.23
CA GLN B 101 23.42 6.96 -8.66
C GLN B 101 23.54 8.41 -9.11
N ARG B 102 23.27 8.67 -10.39
CA ARG B 102 23.34 10.03 -10.93
C ARG B 102 22.28 10.93 -10.29
N LEU B 103 21.09 10.37 -10.05
CA LEU B 103 20.01 11.09 -9.37
C LEU B 103 20.36 11.43 -7.91
N ASN B 104 20.96 10.46 -7.21
CA ASN B 104 21.49 10.69 -5.85
C ASN B 104 22.67 11.67 -5.86
N PHE B 105 23.52 11.58 -6.89
CA PHE B 105 24.58 12.57 -7.10
C PHE B 105 23.98 13.97 -7.22
N ASP B 106 22.95 14.09 -8.07
CA ASP B 106 22.29 15.37 -8.29
C ASP B 106 21.72 15.94 -6.99
N LEU B 107 20.96 15.14 -6.26
CA LEU B 107 20.35 15.60 -5.02
C LEU B 107 21.38 15.86 -3.91
N GLY B 108 22.21 14.87 -3.62
CA GLY B 108 23.09 14.93 -2.45
C GLY B 108 24.41 15.64 -2.66
N THR B 109 24.76 15.92 -3.91
CA THR B 109 26.07 16.52 -4.23
C THR B 109 25.93 17.82 -5.03
N LEU B 110 25.55 17.69 -6.31
CA LEU B 110 25.53 18.83 -7.23
C LEU B 110 24.55 19.92 -6.83
N TYR B 111 23.28 19.56 -6.67
CA TYR B 111 22.24 20.54 -6.36
C TYR B 111 22.45 21.18 -4.99
N LEU B 112 22.86 20.36 -4.01
CA LEU B 112 23.13 20.85 -2.67
C LEU B 112 24.26 21.90 -2.65
N ARG B 113 25.35 21.59 -3.35
CA ARG B 113 26.49 22.51 -3.46
C ARG B 113 26.15 23.76 -4.26
N TYR B 114 25.28 23.60 -5.26
CA TYR B 114 24.70 24.74 -5.99
C TYR B 114 23.94 25.65 -5.03
N LEU B 115 23.08 25.05 -4.20
CA LEU B 115 22.29 25.79 -3.22
C LEU B 115 23.17 26.52 -2.21
N ASN B 116 24.19 25.84 -1.71
CA ASN B 116 25.09 26.42 -0.71
C ASN B 116 25.89 27.62 -1.26
N LEU B 117 26.26 27.55 -2.53
CA LEU B 117 26.95 28.66 -3.19
C LEU B 117 26.00 29.82 -3.52
N TYR B 118 24.88 29.52 -4.18
CA TYR B 118 24.07 30.57 -4.79
C TYR B 118 22.93 31.16 -3.94
N THR B 119 22.37 30.37 -3.03
CA THR B 119 21.29 30.86 -2.16
C THR B 119 21.64 32.14 -1.38
N PRO B 120 22.84 32.21 -0.75
CA PRO B 120 23.19 33.46 -0.06
C PRO B 120 23.26 34.66 -1.00
N ILE B 121 23.84 34.46 -2.19
CA ILE B 121 23.96 35.52 -3.19
C ILE B 121 22.59 36.04 -3.62
N LEU B 122 21.74 35.13 -4.09
CA LEU B 122 20.46 35.50 -4.71
C LEU B 122 19.43 36.08 -3.75
N PHE B 123 19.36 35.54 -2.53
CA PHE B 123 18.24 35.87 -1.63
C PHE B 123 18.63 36.51 -0.30
N ARG B 124 19.92 36.71 -0.08
CA ARG B 124 20.39 37.38 1.14
C ARG B 124 21.34 38.53 0.84
N GLY B 125 21.62 38.74 -0.45
CA GLY B 125 22.53 39.79 -0.90
C GLY B 125 23.94 39.66 -0.32
N GLU B 126 24.31 38.44 0.07
CA GLU B 126 25.65 38.16 0.58
C GLU B 126 26.63 38.00 -0.58
N ALA B 127 27.91 38.20 -0.28
CA ALA B 127 28.95 38.10 -1.30
C ALA B 127 29.23 36.66 -1.70
N TYR B 128 29.79 36.50 -2.90
CA TYR B 128 30.24 35.23 -3.43
C TYR B 128 31.33 34.65 -2.52
N ASP B 129 31.13 33.42 -2.07
CA ASP B 129 32.05 32.77 -1.13
C ASP B 129 32.84 31.69 -1.87
N GLN B 130 34.15 31.94 -2.02
CA GLN B 130 35.03 31.07 -2.79
C GLN B 130 35.20 29.66 -2.19
N GLU B 131 35.04 29.57 -0.86
CA GLU B 131 35.08 28.29 -0.17
C GLU B 131 33.92 27.40 -0.64
N LYS B 132 32.73 27.99 -0.71
CA LYS B 132 31.53 27.29 -1.16
C LYS B 132 31.59 27.03 -2.66
N ALA B 133 32.17 27.97 -3.40
CA ALA B 133 32.42 27.79 -4.83
C ALA B 133 33.34 26.61 -5.08
N ASP B 134 34.42 26.51 -4.31
CA ASP B 134 35.37 25.40 -4.43
C ASP B 134 34.67 24.04 -4.36
N LYS B 135 33.76 23.89 -3.41
CA LYS B 135 32.96 22.66 -3.26
C LYS B 135 32.12 22.38 -4.50
N PHE B 136 31.45 23.41 -5.01
CA PHE B 136 30.64 23.28 -6.22
C PHE B 136 31.49 22.92 -7.43
N ASP B 137 32.62 23.62 -7.59
CA ASP B 137 33.57 23.39 -8.68
C ASP B 137 34.09 21.95 -8.68
N GLU B 138 34.32 21.41 -7.49
CA GLU B 138 34.76 20.02 -7.32
C GLU B 138 33.73 19.06 -7.89
N ALA B 139 32.45 19.35 -7.65
CA ALA B 139 31.33 18.55 -8.17
C ALA B 139 31.21 18.65 -9.69
N LEU B 140 31.48 19.83 -10.24
CA LEU B 140 31.51 20.01 -11.69
C LEU B 140 32.63 19.20 -12.36
N GLY B 141 33.76 19.08 -11.67
CA GLY B 141 34.86 18.22 -12.14
C GLY B 141 34.45 16.76 -12.19
N TRP B 142 33.75 16.31 -11.15
CA TRP B 142 33.18 14.96 -11.11
C TRP B 142 32.17 14.73 -12.24
N LEU B 143 31.24 15.66 -12.44
CA LEU B 143 30.27 15.57 -13.54
C LEU B 143 30.98 15.50 -14.89
N ASN B 144 32.00 16.34 -15.07
CA ASN B 144 32.81 16.30 -16.28
C ASN B 144 33.44 14.92 -16.49
N THR B 145 33.90 14.31 -15.40
CA THR B 145 34.48 12.96 -15.44
C THR B 145 33.41 11.91 -15.75
N PHE B 146 32.22 12.05 -15.19
CA PHE B 146 31.12 11.12 -15.46
C PHE B 146 30.82 11.07 -16.96
N LEU B 147 31.04 12.19 -17.63
CA LEU B 147 30.75 12.32 -19.06
C LEU B 147 31.91 11.91 -19.98
N ASP B 148 33.00 11.41 -19.40
CA ASP B 148 34.12 10.88 -20.19
C ASP B 148 33.69 9.62 -20.95
N GLY B 149 33.55 9.77 -22.27
CA GLY B 149 33.22 8.64 -23.14
C GLY B 149 31.77 8.20 -23.18
N ARG B 150 30.88 9.06 -22.67
CA ARG B 150 29.43 8.86 -22.76
C ARG B 150 28.83 10.15 -23.27
N PRO B 151 27.82 10.04 -24.15
CA PRO B 151 27.15 11.25 -24.62
C PRO B 151 26.17 11.82 -23.58
N PHE B 152 25.71 10.97 -22.65
CA PHE B 152 24.79 11.39 -21.60
C PHE B 152 25.25 10.86 -20.24
N VAL B 153 24.71 11.40 -19.15
CA VAL B 153 25.26 11.12 -17.82
C VAL B 153 25.27 9.64 -17.42
N ALA B 154 24.29 8.88 -17.90
CA ALA B 154 24.18 7.47 -17.52
C ALA B 154 24.54 6.49 -18.63
N GLY B 155 24.90 7.00 -19.81
CA GLY B 155 25.26 6.14 -20.93
C GLY B 155 24.94 6.72 -22.30
N GLU B 156 24.42 5.87 -23.18
CA GLU B 156 24.22 6.22 -24.59
C GLU B 156 22.97 7.06 -24.86
N ASN B 157 21.97 6.95 -24.00
CA ASN B 157 20.70 7.63 -24.20
C ASN B 157 20.39 8.63 -23.07
N MET B 158 19.65 9.68 -23.41
CA MET B 158 19.20 10.66 -22.42
C MET B 158 18.25 10.02 -21.41
N THR B 159 18.40 10.37 -20.14
CA THR B 159 17.56 9.84 -19.06
C THR B 159 17.03 10.97 -18.17
N VAL B 160 16.20 10.63 -17.19
CA VAL B 160 15.71 11.61 -16.21
C VAL B 160 16.87 12.28 -15.47
N ALA B 161 17.99 11.57 -15.35
CA ALA B 161 19.19 12.11 -14.72
C ALA B 161 19.75 13.33 -15.47
N ASP B 162 19.80 13.25 -16.80
CA ASP B 162 20.20 14.39 -17.64
C ASP B 162 19.26 15.57 -17.48
N ILE B 163 17.96 15.30 -17.39
CA ILE B 163 16.94 16.34 -17.31
C ILE B 163 17.05 17.16 -16.01
N THR B 164 17.24 16.50 -14.87
CA THR B 164 17.35 17.22 -13.60
C THR B 164 18.71 17.94 -13.43
N ILE B 165 19.78 17.29 -13.88
CA ILE B 165 21.12 17.89 -13.85
C ILE B 165 21.20 19.13 -14.75
N VAL B 166 20.57 19.06 -15.93
CA VAL B 166 20.62 20.18 -16.88
C VAL B 166 19.98 21.48 -16.35
N VAL B 167 19.03 21.35 -15.42
CA VAL B 167 18.42 22.52 -14.78
C VAL B 167 19.50 23.35 -14.07
N THR B 168 20.38 22.67 -13.35
CA THR B 168 21.47 23.30 -12.60
C THR B 168 22.48 23.97 -13.54
N ILE B 169 22.80 23.29 -14.63
CA ILE B 169 23.73 23.81 -15.61
C ILE B 169 23.11 25.01 -16.33
N THR B 170 21.81 24.94 -16.61
CA THR B 170 21.07 26.07 -17.16
C THR B 170 21.13 27.28 -16.21
N ASN B 171 20.92 27.04 -14.92
CA ASN B 171 20.97 28.12 -13.93
C ASN B 171 22.33 28.82 -13.86
N ILE B 172 23.40 28.05 -13.73
CA ILE B 172 24.75 28.63 -13.63
C ILE B 172 25.16 29.36 -14.90
N ASP B 173 24.71 28.86 -16.05
CA ASP B 173 24.91 29.55 -17.32
C ASP B 173 24.26 30.94 -17.28
N ALA B 174 23.00 30.99 -16.84
CA ALA B 174 22.27 32.25 -16.68
C ALA B 174 22.91 33.20 -15.65
N PHE B 175 23.64 32.63 -14.69
CA PHE B 175 24.30 33.42 -13.64
C PHE B 175 25.69 33.90 -14.06
N GLY B 176 26.14 33.46 -15.24
CA GLY B 176 27.42 33.90 -15.79
C GLY B 176 28.60 32.99 -15.51
N TYR B 177 28.33 31.76 -15.07
CA TYR B 177 29.38 30.77 -14.91
C TYR B 177 29.80 30.30 -16.30
N ASP B 178 31.11 30.35 -16.57
CA ASP B 178 31.68 29.86 -17.81
C ASP B 178 32.34 28.52 -17.54
N PHE B 179 31.71 27.45 -18.02
CA PHE B 179 32.21 26.09 -17.79
C PHE B 179 32.74 25.47 -19.10
N SER B 180 33.00 26.31 -20.09
CA SER B 180 33.44 25.82 -21.40
C SER B 180 34.74 25.01 -21.36
N SER B 181 35.57 25.24 -20.34
CA SER B 181 36.80 24.46 -20.15
C SER B 181 36.55 23.04 -19.61
N HIS B 182 35.37 22.82 -19.05
CA HIS B 182 34.91 21.45 -18.79
C HIS B 182 34.28 20.95 -20.09
N GLU B 183 35.14 20.42 -20.96
CA GLU B 183 34.76 20.10 -22.33
C GLU B 183 33.64 19.06 -22.44
N ASN B 184 33.65 18.06 -21.57
CA ASN B 184 32.57 17.07 -21.56
C ASN B 184 31.23 17.70 -21.20
N ILE B 185 31.22 18.57 -20.18
CA ILE B 185 30.01 19.27 -19.78
C ILE B 185 29.53 20.18 -20.93
N ALA B 186 30.45 20.93 -21.52
CA ALA B 186 30.13 21.86 -22.61
C ALA B 186 29.42 21.17 -23.78
N LYS B 187 29.98 20.04 -24.23
CA LYS B 187 29.41 19.29 -25.35
C LYS B 187 28.10 18.61 -24.98
N TRP B 188 28.06 18.05 -23.77
CA TRP B 188 26.86 17.42 -23.23
C TRP B 188 25.72 18.42 -23.10
N PHE B 189 26.04 19.64 -22.69
CA PHE B 189 25.02 20.68 -22.49
C PHE B 189 24.38 21.09 -23.82
N GLU B 190 25.21 21.24 -24.85
CA GLU B 190 24.70 21.58 -26.19
C GLU B 190 23.85 20.44 -26.73
N ARG B 191 24.31 19.22 -26.50
CA ARG B 191 23.60 18.00 -26.90
C ARG B 191 22.22 17.88 -26.25
N THR B 192 22.15 18.10 -24.94
CA THR B 192 20.93 17.91 -24.16
C THR B 192 19.89 19.01 -24.43
N LYS B 193 20.35 20.25 -24.58
CA LYS B 193 19.51 21.35 -25.04
C LYS B 193 18.80 21.00 -26.34
N LYS B 194 19.56 20.53 -27.33
CA LYS B 194 19.02 20.13 -28.62
C LYS B 194 17.97 19.02 -28.49
N MET B 195 18.24 18.08 -27.58
CA MET B 195 17.29 17.01 -27.28
C MET B 195 15.99 17.54 -26.67
N LEU B 196 16.09 18.61 -25.89
CA LEU B 196 14.97 19.10 -25.10
C LEU B 196 14.20 20.27 -25.74
N GLU B 197 14.74 20.84 -26.82
CA GLU B 197 14.08 21.98 -27.49
C GLU B 197 12.68 21.66 -28.06
N PRO B 198 12.47 20.42 -28.56
CA PRO B 198 11.09 20.11 -28.95
C PRO B 198 10.18 19.83 -27.74
N TYR B 199 10.76 19.90 -26.54
CA TYR B 199 10.02 19.57 -25.32
C TYR B 199 10.00 20.72 -24.29
N GLY B 200 10.00 21.95 -24.80
CA GLY B 200 9.81 23.13 -23.95
C GLY B 200 11.03 23.60 -23.17
N TYR B 201 12.22 23.32 -23.69
CA TYR B 201 13.44 23.73 -23.00
C TYR B 201 13.49 25.24 -22.73
N ASP B 202 13.15 26.05 -23.74
CA ASP B 202 13.15 27.52 -23.58
C ASP B 202 12.05 28.01 -22.65
N GLU B 203 10.83 27.55 -22.89
CA GLU B 203 9.69 28.04 -22.12
C GLU B 203 9.71 27.60 -20.65
N ILE B 204 10.35 26.47 -20.36
CA ILE B 204 10.46 25.97 -19.00
C ILE B 204 11.78 26.36 -18.33
N ASP B 205 12.89 25.88 -18.89
CA ASP B 205 14.19 25.96 -18.22
C ASP B 205 14.87 27.32 -18.37
N VAL B 206 14.97 27.81 -19.61
CA VAL B 206 15.58 29.10 -19.88
C VAL B 206 14.80 30.24 -19.22
N THR B 207 13.47 30.20 -19.34
CA THR B 207 12.59 31.18 -18.70
C THR B 207 12.73 31.16 -17.17
N GLY B 208 12.75 29.96 -16.59
CA GLY B 208 12.91 29.80 -15.15
C GLY B 208 14.23 30.35 -14.63
N ALA B 209 15.31 30.02 -15.35
CA ALA B 209 16.66 30.45 -14.99
C ALA B 209 16.82 31.97 -15.02
N LYS B 210 16.22 32.62 -16.02
CA LYS B 210 16.26 34.07 -16.14
C LYS B 210 15.54 34.77 -15.00
N MET B 211 14.44 34.17 -14.54
CA MET B 211 13.70 34.68 -13.39
C MET B 211 14.53 34.66 -12.12
N LEU B 212 15.23 33.55 -11.87
CA LEU B 212 16.19 33.47 -10.78
C LEU B 212 17.32 34.48 -10.97
N ALA B 213 17.76 34.66 -12.22
CA ALA B 213 18.88 35.54 -12.53
C ALA B 213 18.58 37.04 -12.30
N SER B 214 17.29 37.40 -12.35
CA SER B 214 16.88 38.79 -12.11
C SER B 214 17.20 39.22 -10.67
N PHE B 215 17.39 38.26 -9.78
CA PHE B 215 17.79 38.53 -8.40
C PHE B 215 19.27 38.93 -8.27
N LEU B 216 20.04 38.73 -9.33
CA LEU B 216 21.45 39.14 -9.37
C LEU B 216 21.61 40.62 -9.72
N HIS C 1 -3.00 -19.88 -17.84
CA HIS C 1 -3.05 -18.51 -18.45
C HIS C 1 -4.50 -18.05 -18.66
N MET C 2 -5.22 -18.72 -19.54
CA MET C 2 -6.60 -18.40 -19.89
C MET C 2 -7.48 -19.66 -19.82
N PRO C 3 -8.82 -19.51 -19.74
CA PRO C 3 -9.70 -20.69 -19.62
C PRO C 3 -9.91 -21.47 -20.93
N VAL C 4 -10.31 -22.74 -20.79
CA VAL C 4 -10.43 -23.68 -21.92
C VAL C 4 -11.63 -23.36 -22.82
N GLN C 5 -12.83 -23.35 -22.24
CA GLN C 5 -14.01 -22.80 -22.90
C GLN C 5 -14.30 -21.42 -22.30
N PRO C 6 -15.12 -20.59 -22.98
CA PRO C 6 -15.49 -19.31 -22.35
C PRO C 6 -16.22 -19.52 -21.03
N ILE C 7 -15.88 -18.70 -20.04
CA ILE C 7 -16.49 -18.77 -18.70
C ILE C 7 -17.92 -18.24 -18.77
N LYS C 8 -18.86 -19.05 -18.29
CA LYS C 8 -20.27 -18.68 -18.30
C LYS C 8 -20.62 -17.87 -17.05
N LEU C 9 -21.46 -16.85 -17.22
CA LEU C 9 -22.02 -16.14 -16.08
C LEU C 9 -23.54 -16.01 -16.17
N TYR C 10 -24.23 -16.70 -15.26
CA TYR C 10 -25.67 -16.60 -15.14
C TYR C 10 -25.97 -15.32 -14.36
N TYR C 11 -26.71 -14.41 -14.98
CA TYR C 11 -26.77 -13.02 -14.51
C TYR C 11 -28.07 -12.32 -14.92
N LEU C 12 -28.28 -11.12 -14.39
CA LEU C 12 -29.25 -10.18 -14.96
C LEU C 12 -28.69 -8.77 -14.88
N PRO C 13 -28.85 -7.96 -15.95
CA PRO C 13 -28.27 -6.61 -16.03
C PRO C 13 -28.42 -5.67 -14.80
N PRO C 14 -29.61 -5.62 -14.15
CA PRO C 14 -29.72 -4.68 -13.02
C PRO C 14 -29.04 -5.14 -11.73
N SER C 15 -28.78 -6.44 -11.62
CA SER C 15 -28.30 -7.05 -10.37
C SER C 15 -26.93 -6.49 -9.92
N PRO C 16 -26.90 -5.80 -8.78
CA PRO C 16 -25.65 -5.21 -8.27
C PRO C 16 -24.45 -6.18 -8.14
N PRO C 17 -24.66 -7.40 -7.59
CA PRO C 17 -23.54 -8.34 -7.55
C PRO C 17 -23.07 -8.81 -8.93
N CYS C 18 -24.00 -8.96 -9.87
CA CYS C 18 -23.65 -9.31 -11.25
C CYS C 18 -22.77 -8.24 -11.89
N ARG C 19 -23.15 -6.97 -11.69
CA ARG C 19 -22.42 -5.83 -12.25
C ARG C 19 -20.96 -5.76 -11.78
N ALA C 20 -20.75 -5.99 -10.49
CA ALA C 20 -19.40 -6.06 -9.91
C ALA C 20 -18.54 -7.14 -10.57
N VAL C 21 -19.13 -8.31 -10.82
CA VAL C 21 -18.44 -9.41 -11.48
C VAL C 21 -18.09 -9.08 -12.94
N MET C 22 -19.07 -8.52 -13.66
CA MET C 22 -18.91 -8.20 -15.07
C MET C 22 -17.81 -7.16 -15.28
N MET C 23 -17.79 -6.12 -14.46
CA MET C 23 -16.74 -5.10 -14.53
C MET C 23 -15.36 -5.65 -14.20
N THR C 24 -15.29 -6.53 -13.20
CA THR C 24 -14.03 -7.20 -12.85
C THR C 24 -13.49 -8.02 -14.04
N ALA C 25 -14.38 -8.75 -14.70
CA ALA C 25 -14.00 -9.56 -15.86
C ALA C 25 -13.49 -8.70 -17.02
N ARG C 26 -14.03 -7.50 -17.15
CA ARG C 26 -13.61 -6.54 -18.17
C ARG C 26 -12.20 -6.01 -17.91
N VAL C 27 -11.92 -5.63 -16.66
CA VAL C 27 -10.58 -5.18 -16.28
C VAL C 27 -9.55 -6.27 -16.55
N LEU C 28 -9.91 -7.52 -16.25
CA LEU C 28 -9.05 -8.68 -16.49
C LEU C 28 -8.96 -9.10 -17.96
N GLU C 29 -9.79 -8.49 -18.81
CA GLU C 29 -9.85 -8.80 -20.24
C GLU C 29 -10.29 -10.25 -20.51
N LEU C 30 -11.32 -10.68 -19.77
CA LEU C 30 -12.00 -11.93 -20.02
C LEU C 30 -13.36 -11.60 -20.65
N ASP C 31 -13.67 -12.25 -21.77
CA ASP C 31 -15.02 -12.16 -22.33
C ASP C 31 -15.86 -13.32 -21.82
N LEU C 32 -16.88 -12.99 -21.03
CA LEU C 32 -17.76 -13.97 -20.43
C LEU C 32 -18.92 -14.35 -21.34
N HIS C 33 -19.26 -15.63 -21.34
CA HIS C 33 -20.50 -16.10 -21.95
C HIS C 33 -21.63 -15.74 -21.00
N LEU C 34 -22.28 -14.61 -21.25
CA LEU C 34 -23.38 -14.15 -20.41
C LEU C 34 -24.64 -14.92 -20.72
N ILE C 35 -25.34 -15.35 -19.66
CA ILE C 35 -26.60 -16.09 -19.80
C ILE C 35 -27.64 -15.45 -18.91
N THR C 36 -28.63 -14.80 -19.53
CA THR C 36 -29.66 -14.08 -18.79
C THR C 36 -30.46 -15.06 -17.94
N THR C 37 -30.56 -14.75 -16.66
CA THR C 37 -31.25 -15.59 -15.69
C THR C 37 -32.16 -14.69 -14.86
N ASN C 38 -33.44 -14.70 -15.25
CA ASN C 38 -34.43 -13.77 -14.73
C ASN C 38 -35.20 -14.35 -13.55
N ILE C 39 -34.92 -13.85 -12.36
CA ILE C 39 -35.56 -14.28 -11.11
C ILE C 39 -37.09 -14.15 -11.15
N MET C 40 -37.56 -13.09 -11.79
CA MET C 40 -38.99 -12.81 -11.93
C MET C 40 -39.70 -13.89 -12.75
N ASN C 41 -38.97 -14.46 -13.71
CA ASN C 41 -39.49 -15.52 -14.58
C ASN C 41 -39.16 -16.94 -14.09
N GLY C 42 -38.61 -17.03 -12.87
CA GLY C 42 -38.31 -18.30 -12.21
C GLY C 42 -37.21 -19.15 -12.83
N GLU C 43 -36.31 -18.49 -13.55
CA GLU C 43 -35.23 -19.19 -14.27
C GLU C 43 -34.16 -19.74 -13.33
N HIS C 44 -34.19 -19.29 -12.08
CA HIS C 44 -33.28 -19.74 -11.03
C HIS C 44 -33.80 -20.96 -10.26
N MET C 45 -35.06 -21.32 -10.49
CA MET C 45 -35.71 -22.37 -9.70
C MET C 45 -36.00 -23.67 -10.47
N THR C 46 -35.44 -23.79 -11.67
CA THR C 46 -35.58 -25.00 -12.49
C THR C 46 -34.75 -26.12 -11.86
N PRO C 47 -35.10 -27.41 -12.15
CA PRO C 47 -34.28 -28.50 -11.62
C PRO C 47 -32.82 -28.40 -12.02
N GLU C 48 -32.55 -27.90 -13.23
CA GLU C 48 -31.17 -27.72 -13.72
C GLU C 48 -30.39 -26.65 -12.95
N TYR C 49 -31.01 -25.50 -12.72
CA TYR C 49 -30.34 -24.42 -11.99
C TYR C 49 -30.07 -24.83 -10.55
N LEU C 50 -31.04 -25.51 -9.95
CA LEU C 50 -30.91 -26.00 -8.58
C LEU C 50 -29.81 -27.06 -8.41
N LYS C 51 -29.63 -27.88 -9.43
CA LYS C 51 -28.55 -28.88 -9.46
C LYS C 51 -27.17 -28.18 -9.50
N MET C 52 -27.09 -27.10 -10.28
CA MET C 52 -25.88 -26.30 -10.37
C MET C 52 -25.63 -25.47 -9.10
N ASN C 53 -26.66 -24.75 -8.65
CA ASN C 53 -26.56 -23.89 -7.47
C ASN C 53 -27.76 -24.09 -6.54
N PRO C 54 -27.61 -24.91 -5.49
CA PRO C 54 -28.73 -25.17 -4.57
C PRO C 54 -29.25 -23.92 -3.84
N GLN C 55 -28.45 -22.85 -3.79
CA GLN C 55 -28.89 -21.57 -3.24
C GLN C 55 -29.72 -20.74 -4.24
N HIS C 56 -29.76 -21.19 -5.49
CA HIS C 56 -30.54 -20.54 -6.55
C HIS C 56 -30.37 -19.01 -6.57
N THR C 57 -29.13 -18.56 -6.69
CA THR C 57 -28.81 -17.14 -6.74
C THR C 57 -28.09 -16.78 -8.03
N ILE C 58 -28.12 -15.49 -8.36
CA ILE C 58 -27.24 -14.91 -9.37
C ILE C 58 -26.35 -13.88 -8.69
N PRO C 59 -25.12 -13.67 -9.18
CA PRO C 59 -24.48 -14.37 -10.30
C PRO C 59 -23.99 -15.77 -9.91
N THR C 60 -24.06 -16.70 -10.87
CA THR C 60 -23.39 -17.99 -10.74
C THR C 60 -22.41 -18.12 -11.90
N MET C 61 -21.18 -18.49 -11.58
CA MET C 61 -20.11 -18.68 -12.56
C MET C 61 -19.94 -20.17 -12.87
N ASP C 62 -19.77 -20.50 -14.15
CA ASP C 62 -19.39 -21.85 -14.58
C ASP C 62 -18.13 -21.77 -15.44
N ASP C 63 -16.99 -22.09 -14.83
CA ASP C 63 -15.69 -22.09 -15.50
C ASP C 63 -15.29 -23.53 -15.82
N ASN C 64 -15.65 -23.97 -17.02
CA ASN C 64 -15.32 -25.33 -17.51
C ASN C 64 -15.64 -26.40 -16.47
N GLY C 65 -16.84 -26.32 -15.88
CA GLY C 65 -17.29 -27.30 -14.89
C GLY C 65 -17.22 -26.85 -13.45
N PHE C 66 -16.33 -25.90 -13.18
CA PHE C 66 -16.19 -25.36 -11.84
C PHE C 66 -17.27 -24.32 -11.55
N ILE C 67 -18.14 -24.64 -10.60
CA ILE C 67 -19.29 -23.81 -10.25
C ILE C 67 -18.99 -22.96 -9.04
N LEU C 68 -19.39 -21.69 -9.10
CA LEU C 68 -19.12 -20.74 -8.03
C LEU C 68 -20.17 -19.64 -8.00
N TRP C 69 -20.63 -19.33 -6.79
CA TRP C 69 -21.47 -18.15 -6.58
C TRP C 69 -20.92 -17.33 -5.43
N GLU C 70 -21.65 -16.27 -5.06
CA GLU C 70 -21.14 -15.19 -4.21
C GLU C 70 -20.18 -14.31 -5.01
N SER C 71 -20.68 -13.14 -5.41
CA SER C 71 -20.00 -12.23 -6.31
C SER C 71 -18.56 -11.92 -5.92
N ARG C 72 -18.32 -11.69 -4.63
CA ARG C 72 -16.98 -11.31 -4.17
C ARG C 72 -15.98 -12.47 -4.25
N ALA C 73 -16.46 -13.69 -4.04
CA ALA C 73 -15.65 -14.89 -4.26
C ALA C 73 -15.31 -15.07 -5.75
N ILE C 74 -16.29 -14.83 -6.63
CA ILE C 74 -16.06 -14.88 -8.07
C ILE C 74 -14.99 -13.86 -8.51
N GLN C 75 -15.08 -12.66 -7.97
CA GLN C 75 -14.15 -11.58 -8.29
C GLN C 75 -12.70 -11.98 -7.99
N THR C 76 -12.48 -12.45 -6.77
CA THR C 76 -11.14 -12.84 -6.32
C THR C 76 -10.62 -14.06 -7.06
N TYR C 77 -11.52 -15.01 -7.35
CA TYR C 77 -11.17 -16.20 -8.13
C TYR C 77 -10.64 -15.84 -9.52
N LEU C 78 -11.36 -14.95 -10.22
CA LEU C 78 -10.98 -14.53 -11.56
C LEU C 78 -9.60 -13.86 -11.57
N VAL C 79 -9.30 -13.06 -10.54
CA VAL C 79 -7.97 -12.47 -10.40
C VAL C 79 -6.91 -13.56 -10.12
N ASN C 80 -7.13 -14.36 -9.07
CA ASN C 80 -6.21 -15.44 -8.69
C ASN C 80 -5.91 -16.41 -9.83
N ALA C 81 -6.91 -16.70 -10.66
CA ALA C 81 -6.76 -17.67 -11.75
C ALA C 81 -6.28 -17.08 -13.07
N TYR C 82 -6.72 -15.85 -13.39
CA TYR C 82 -6.53 -15.31 -14.74
C TYR C 82 -5.90 -13.93 -14.85
N GLY C 83 -5.57 -13.31 -13.72
CA GLY C 83 -4.91 -12.02 -13.71
C GLY C 83 -3.56 -12.09 -14.40
N LYS C 84 -3.30 -11.15 -15.32
CA LYS C 84 -2.00 -11.04 -15.97
C LYS C 84 -0.94 -10.78 -14.91
N ASP C 85 -1.27 -9.91 -13.96
CA ASP C 85 -0.56 -9.80 -12.69
C ASP C 85 -1.60 -9.78 -11.55
N ASP C 86 -1.17 -9.44 -10.35
CA ASP C 86 -2.03 -9.49 -9.18
C ASP C 86 -2.53 -8.12 -8.67
N SER C 87 -2.30 -7.05 -9.43
CA SER C 87 -2.52 -5.68 -8.94
C SER C 87 -3.94 -5.38 -8.43
N LEU C 88 -4.95 -6.03 -9.02
CA LEU C 88 -6.34 -5.90 -8.59
C LEU C 88 -6.63 -6.63 -7.27
N TYR C 89 -5.77 -7.58 -6.93
CA TYR C 89 -5.93 -8.40 -5.72
C TYR C 89 -4.57 -9.02 -5.36
N PRO C 90 -3.65 -8.20 -4.80
CA PRO C 90 -2.25 -8.61 -4.60
C PRO C 90 -2.07 -9.81 -3.67
N LYS C 91 -1.00 -10.58 -3.93
CA LYS C 91 -0.65 -11.75 -3.14
C LYS C 91 -0.07 -11.41 -1.76
N ASN C 92 0.56 -10.24 -1.65
CA ASN C 92 1.16 -9.79 -0.39
C ASN C 92 0.13 -9.83 0.74
N PRO C 93 0.42 -10.61 1.80
CA PRO C 93 -0.57 -10.88 2.85
C PRO C 93 -1.23 -9.64 3.46
N ARG C 94 -0.47 -8.58 3.72
CA ARG C 94 -1.03 -7.38 4.34
C ARG C 94 -1.85 -6.53 3.35
N GLN C 95 -1.37 -6.40 2.12
CA GLN C 95 -2.13 -5.72 1.08
C GLN C 95 -3.44 -6.45 0.79
N ARG C 96 -3.38 -7.78 0.70
CA ARG C 96 -4.58 -8.60 0.48
C ARG C 96 -5.56 -8.51 1.65
N ALA C 97 -5.02 -8.48 2.86
CA ALA C 97 -5.83 -8.45 4.08
C ALA C 97 -6.71 -7.20 4.16
N ILE C 98 -6.14 -6.05 3.79
CA ILE C 98 -6.91 -4.81 3.74
C ILE C 98 -8.05 -4.92 2.72
N ILE C 99 -7.75 -5.47 1.54
CA ILE C 99 -8.79 -5.68 0.53
C ILE C 99 -9.89 -6.60 1.07
N ASP C 100 -9.48 -7.70 1.72
CA ASP C 100 -10.43 -8.65 2.29
C ASP C 100 -11.36 -8.02 3.33
N GLN C 101 -10.81 -7.15 4.19
CA GLN C 101 -11.63 -6.43 5.15
C GLN C 101 -12.64 -5.51 4.44
N ARG C 102 -12.17 -4.78 3.43
CA ARG C 102 -13.05 -3.90 2.65
C ARG C 102 -14.18 -4.68 1.94
N LEU C 103 -13.85 -5.88 1.48
CA LEU C 103 -14.83 -6.79 0.87
C LEU C 103 -15.87 -7.29 1.89
N ASN C 104 -15.40 -7.64 3.09
CA ASN C 104 -16.30 -8.01 4.20
C ASN C 104 -17.16 -6.84 4.64
N PHE C 105 -16.56 -5.65 4.65
CA PHE C 105 -17.28 -4.39 4.90
C PHE C 105 -18.38 -4.19 3.86
N ASP C 106 -18.04 -4.40 2.58
CA ASP C 106 -19.03 -4.22 1.51
C ASP C 106 -20.22 -5.14 1.66
N LEU C 107 -19.96 -6.43 1.91
CA LEU C 107 -21.04 -7.41 2.07
C LEU C 107 -21.82 -7.25 3.37
N GLY C 108 -21.10 -7.28 4.50
CA GLY C 108 -21.73 -7.30 5.82
C GLY C 108 -22.23 -5.96 6.36
N THR C 109 -21.77 -4.86 5.78
CA THR C 109 -22.10 -3.52 6.29
C THR C 109 -22.74 -2.61 5.25
N LEU C 110 -22.00 -2.30 4.18
CA LEU C 110 -22.44 -1.33 3.18
C LEU C 110 -23.61 -1.83 2.33
N TYR C 111 -23.46 -2.99 1.70
CA TYR C 111 -24.51 -3.53 0.84
C TYR C 111 -25.77 -3.88 1.62
N LEU C 112 -25.59 -4.41 2.82
CA LEU C 112 -26.72 -4.77 3.69
C LEU C 112 -27.55 -3.55 4.08
N ARG C 113 -26.89 -2.49 4.53
CA ARG C 113 -27.58 -1.27 4.94
C ARG C 113 -28.23 -0.58 3.73
N TYR C 114 -27.61 -0.71 2.57
CA TYR C 114 -28.17 -0.26 1.29
C TYR C 114 -29.50 -0.97 0.95
N LEU C 115 -29.50 -2.30 1.07
CA LEU C 115 -30.70 -3.10 0.83
C LEU C 115 -31.80 -2.75 1.83
N ASN C 116 -31.41 -2.64 3.11
CA ASN C 116 -32.35 -2.26 4.17
C ASN C 116 -32.99 -0.91 3.93
N LEU C 117 -32.21 0.03 3.40
CA LEU C 117 -32.73 1.35 3.05
C LEU C 117 -33.63 1.34 1.81
N TYR C 118 -33.14 0.78 0.71
CA TYR C 118 -33.79 0.96 -0.60
C TYR C 118 -34.79 -0.10 -1.06
N THR C 119 -34.67 -1.33 -0.56
CA THR C 119 -35.65 -2.37 -0.89
C THR C 119 -37.09 -1.90 -0.61
N PRO C 120 -37.35 -1.36 0.60
CA PRO C 120 -38.69 -0.82 0.89
C PRO C 120 -39.12 0.30 -0.06
N ILE C 121 -38.16 1.13 -0.48
CA ILE C 121 -38.45 2.29 -1.34
C ILE C 121 -38.78 1.88 -2.78
N LEU C 122 -37.88 1.11 -3.40
CA LEU C 122 -38.00 0.76 -4.81
C LEU C 122 -39.19 -0.15 -5.13
N PHE C 123 -39.44 -1.12 -4.24
CA PHE C 123 -40.38 -2.19 -4.55
C PHE C 123 -41.58 -2.25 -3.62
N ARG C 124 -41.35 -2.17 -2.32
CA ARG C 124 -42.42 -2.30 -1.31
C ARG C 124 -43.29 -1.04 -1.24
N GLY C 125 -42.96 -0.03 -2.04
CA GLY C 125 -43.76 1.18 -2.17
C GLY C 125 -43.52 2.24 -1.11
N GLU C 126 -42.93 1.81 0.01
CA GLU C 126 -42.77 2.64 1.21
C GLU C 126 -41.96 3.92 1.01
N ALA C 127 -42.04 4.80 2.02
CA ALA C 127 -41.27 6.03 2.03
C ALA C 127 -39.93 5.83 2.74
N TYR C 128 -39.03 6.79 2.49
CA TYR C 128 -37.77 6.96 3.19
C TYR C 128 -37.95 6.78 4.70
N ASP C 129 -37.23 5.81 5.27
CA ASP C 129 -37.21 5.61 6.72
C ASP C 129 -35.91 6.21 7.27
N GLN C 130 -36.04 7.25 8.08
CA GLN C 130 -34.90 7.99 8.62
C GLN C 130 -33.91 7.11 9.38
N GLU C 131 -34.43 6.14 10.12
CA GLU C 131 -33.61 5.21 10.90
C GLU C 131 -32.66 4.38 10.02
N LYS C 132 -33.20 3.86 8.91
CA LYS C 132 -32.41 3.07 7.98
C LYS C 132 -31.45 3.94 7.16
N ALA C 133 -31.88 5.17 6.85
CA ALA C 133 -31.04 6.14 6.18
C ALA C 133 -29.85 6.52 7.05
N ASP C 134 -30.10 6.69 8.36
CA ASP C 134 -29.06 7.00 9.33
C ASP C 134 -28.05 5.87 9.46
N LYS C 135 -28.54 4.63 9.45
CA LYS C 135 -27.65 3.46 9.47
C LYS C 135 -26.77 3.44 8.21
N PHE C 136 -27.37 3.69 7.06
CA PHE C 136 -26.63 3.70 5.79
C PHE C 136 -25.60 4.83 5.72
N ASP C 137 -25.99 6.04 6.13
CA ASP C 137 -25.08 7.18 6.12
C ASP C 137 -23.91 7.00 7.09
N GLU C 138 -24.14 6.24 8.16
CA GLU C 138 -23.08 5.88 9.11
C GLU C 138 -22.00 5.03 8.43
N ALA C 139 -22.44 4.10 7.59
CA ALA C 139 -21.54 3.26 6.80
C ALA C 139 -20.77 4.09 5.77
N LEU C 140 -21.45 5.06 5.16
CA LEU C 140 -20.80 6.00 4.25
C LEU C 140 -19.75 6.83 4.98
N GLY C 141 -20.05 7.16 6.25
CA GLY C 141 -19.09 7.82 7.13
C GLY C 141 -17.81 7.02 7.29
N TRP C 142 -17.94 5.71 7.52
CA TRP C 142 -16.79 4.81 7.65
C TRP C 142 -16.00 4.66 6.35
N LEU C 143 -16.72 4.52 5.24
CA LEU C 143 -16.09 4.47 3.92
C LEU C 143 -15.27 5.73 3.65
N ASN C 144 -15.79 6.87 4.08
CA ASN C 144 -15.11 8.16 3.93
C ASN C 144 -13.78 8.20 4.69
N THR C 145 -13.78 7.67 5.91
CA THR C 145 -12.57 7.54 6.71
C THR C 145 -11.58 6.56 6.07
N PHE C 146 -12.08 5.45 5.53
CA PHE C 146 -11.26 4.45 4.83
C PHE C 146 -10.43 5.10 3.72
N LEU C 147 -11.02 6.10 3.07
CA LEU C 147 -10.40 6.78 1.93
C LEU C 147 -9.51 7.97 2.29
N ASP C 148 -9.38 8.29 3.58
CA ASP C 148 -8.56 9.42 3.99
C ASP C 148 -7.07 9.11 3.77
N GLY C 149 -6.42 9.93 2.97
CA GLY C 149 -4.99 9.76 2.66
C GLY C 149 -4.65 8.74 1.59
N ARG C 150 -5.69 8.24 0.92
CA ARG C 150 -5.57 7.19 -0.11
C ARG C 150 -6.47 7.49 -1.30
N PRO C 151 -6.01 7.19 -2.53
CA PRO C 151 -6.89 7.37 -3.70
C PRO C 151 -7.96 6.28 -3.86
N PHE C 152 -7.66 5.07 -3.41
CA PHE C 152 -8.62 3.97 -3.49
C PHE C 152 -8.87 3.35 -2.12
N VAL C 153 -9.88 2.49 -2.01
CA VAL C 153 -10.35 2.05 -0.69
C VAL C 153 -9.33 1.24 0.13
N ALA C 154 -8.47 0.50 -0.56
CA ALA C 154 -7.51 -0.39 0.09
C ALA C 154 -6.06 0.02 -0.10
N GLY C 155 -5.82 1.15 -0.77
CA GLY C 155 -4.47 1.65 -0.97
C GLY C 155 -4.31 2.56 -2.16
N GLU C 156 -3.16 2.47 -2.82
CA GLU C 156 -2.78 3.39 -3.89
C GLU C 156 -3.36 3.03 -5.26
N ASN C 157 -3.75 1.77 -5.42
CA ASN C 157 -4.23 1.26 -6.70
C ASN C 157 -5.64 0.74 -6.60
N MET C 158 -6.35 0.75 -7.73
CA MET C 158 -7.69 0.20 -7.77
C MET C 158 -7.66 -1.32 -7.59
N THR C 159 -8.57 -1.83 -6.77
CA THR C 159 -8.67 -3.25 -6.49
C THR C 159 -10.10 -3.72 -6.68
N VAL C 160 -10.33 -5.03 -6.56
CA VAL C 160 -11.66 -5.62 -6.64
C VAL C 160 -12.63 -4.98 -5.63
N ALA C 161 -12.09 -4.47 -4.53
CA ALA C 161 -12.88 -3.82 -3.49
C ALA C 161 -13.50 -2.51 -3.97
N ASP C 162 -12.77 -1.74 -4.77
CA ASP C 162 -13.31 -0.51 -5.36
C ASP C 162 -14.44 -0.83 -6.34
N ILE C 163 -14.26 -1.90 -7.11
CA ILE C 163 -15.20 -2.30 -8.15
C ILE C 163 -16.55 -2.73 -7.59
N THR C 164 -16.55 -3.51 -6.50
CA THR C 164 -17.82 -3.89 -5.90
C THR C 164 -18.47 -2.74 -5.13
N ILE C 165 -17.66 -1.89 -4.50
CA ILE C 165 -18.21 -0.77 -3.72
C ILE C 165 -18.84 0.30 -4.61
N VAL C 166 -18.24 0.53 -5.78
CA VAL C 166 -18.73 1.54 -6.73
C VAL C 166 -20.13 1.24 -7.29
N VAL C 167 -20.49 -0.05 -7.36
CA VAL C 167 -21.82 -0.46 -7.80
C VAL C 167 -22.89 0.17 -6.89
N THR C 168 -22.66 0.09 -5.58
CA THR C 168 -23.55 0.69 -4.60
C THR C 168 -23.62 2.21 -4.73
N ILE C 169 -22.46 2.86 -4.91
CA ILE C 169 -22.43 4.32 -5.05
C ILE C 169 -23.10 4.77 -6.35
N THR C 170 -22.90 4.01 -7.43
CA THR C 170 -23.60 4.24 -8.69
C THR C 170 -25.12 4.16 -8.49
N ASN C 171 -25.56 3.14 -7.76
CA ASN C 171 -26.98 2.95 -7.45
C ASN C 171 -27.60 4.11 -6.69
N ILE C 172 -27.00 4.47 -5.55
CA ILE C 172 -27.53 5.55 -4.71
C ILE C 172 -27.48 6.92 -5.42
N ASP C 173 -26.43 7.14 -6.21
CA ASP C 173 -26.34 8.34 -7.05
C ASP C 173 -27.53 8.40 -8.01
N ALA C 174 -27.82 7.28 -8.66
CA ALA C 174 -28.95 7.17 -9.58
C ALA C 174 -30.33 7.34 -8.90
N PHE C 175 -30.40 7.05 -7.60
CA PHE C 175 -31.64 7.22 -6.84
C PHE C 175 -31.77 8.61 -6.21
N GLY C 176 -30.79 9.48 -6.47
CA GLY C 176 -30.83 10.86 -5.98
C GLY C 176 -30.36 11.04 -4.55
N TYR C 177 -29.56 10.10 -4.05
CA TYR C 177 -28.96 10.21 -2.73
C TYR C 177 -27.80 11.20 -2.80
N ASP C 178 -27.83 12.21 -1.94
CA ASP C 178 -26.75 13.19 -1.87
C ASP C 178 -25.70 12.74 -0.86
N PHE C 179 -24.54 12.35 -1.38
CA PHE C 179 -23.42 11.92 -0.54
C PHE C 179 -22.26 12.94 -0.55
N SER C 180 -22.54 14.14 -1.05
CA SER C 180 -21.52 15.18 -1.26
C SER C 180 -20.77 15.61 -0.01
N SER C 181 -21.43 15.54 1.15
CA SER C 181 -20.80 15.90 2.43
C SER C 181 -19.69 14.93 2.85
N HIS C 182 -19.64 13.76 2.20
CA HIS C 182 -18.54 12.83 2.35
C HIS C 182 -17.54 13.10 1.22
N GLU C 183 -16.67 14.08 1.43
CA GLU C 183 -15.75 14.57 0.39
C GLU C 183 -14.90 13.48 -0.25
N ASN C 184 -14.34 12.60 0.57
CA ASN C 184 -13.49 11.52 0.06
C ASN C 184 -14.25 10.54 -0.86
N ILE C 185 -15.50 10.24 -0.51
CA ILE C 185 -16.35 9.43 -1.38
C ILE C 185 -16.65 10.17 -2.69
N ALA C 186 -16.98 11.46 -2.58
CA ALA C 186 -17.28 12.29 -3.75
C ALA C 186 -16.14 12.28 -4.78
N LYS C 187 -14.92 12.50 -4.30
CA LYS C 187 -13.73 12.49 -5.15
C LYS C 187 -13.38 11.09 -5.66
N TRP C 188 -13.49 10.09 -4.78
CA TRP C 188 -13.21 8.69 -5.14
C TRP C 188 -14.17 8.17 -6.21
N PHE C 189 -15.43 8.59 -6.12
CA PHE C 189 -16.45 8.17 -7.08
C PHE C 189 -16.14 8.65 -8.49
N GLU C 190 -15.87 9.94 -8.63
CA GLU C 190 -15.48 10.51 -9.93
C GLU C 190 -14.23 9.84 -10.47
N ARG C 191 -13.28 9.61 -9.57
CA ARG C 191 -12.00 8.96 -9.87
C ARG C 191 -12.20 7.53 -10.41
N THR C 192 -13.01 6.76 -9.70
CA THR C 192 -13.26 5.34 -10.02
C THR C 192 -14.11 5.17 -11.29
N LYS C 193 -15.09 6.05 -11.50
CA LYS C 193 -15.86 6.07 -12.74
C LYS C 193 -14.93 6.18 -13.96
N LYS C 194 -13.98 7.11 -13.87
CA LYS C 194 -13.00 7.34 -14.93
C LYS C 194 -12.07 6.14 -15.14
N MET C 195 -11.67 5.50 -14.05
CA MET C 195 -10.86 4.28 -14.13
C MET C 195 -11.60 3.17 -14.88
N LEU C 196 -12.90 3.06 -14.62
CA LEU C 196 -13.71 1.96 -15.15
C LEU C 196 -14.37 2.26 -16.50
N GLU C 197 -14.28 3.52 -16.94
CA GLU C 197 -14.86 3.97 -18.21
C GLU C 197 -14.47 3.09 -19.41
N PRO C 198 -13.16 2.74 -19.56
CA PRO C 198 -12.83 1.84 -20.67
C PRO C 198 -13.11 0.36 -20.41
N TYR C 199 -13.67 0.03 -19.24
CA TYR C 199 -13.99 -1.35 -18.90
C TYR C 199 -15.49 -1.56 -18.69
N GLY C 200 -16.28 -0.85 -19.49
CA GLY C 200 -17.72 -1.02 -19.54
C GLY C 200 -18.52 -0.40 -18.40
N TYR C 201 -17.96 0.62 -17.75
CA TYR C 201 -18.67 1.28 -16.66
C TYR C 201 -20.07 1.70 -17.08
N ASP C 202 -20.19 2.29 -18.27
CA ASP C 202 -21.47 2.75 -18.79
C ASP C 202 -22.40 1.63 -19.25
N GLU C 203 -21.87 0.66 -20.00
CA GLU C 203 -22.71 -0.44 -20.49
C GLU C 203 -23.16 -1.42 -19.38
N ILE C 204 -22.39 -1.50 -18.31
CA ILE C 204 -22.68 -2.41 -17.20
C ILE C 204 -23.33 -1.71 -16.01
N ASP C 205 -22.58 -0.83 -15.34
CA ASP C 205 -23.03 -0.24 -14.08
C ASP C 205 -24.12 0.82 -14.22
N VAL C 206 -23.89 1.80 -15.09
CA VAL C 206 -24.87 2.88 -15.34
C VAL C 206 -26.17 2.31 -15.91
N THR C 207 -26.05 1.40 -16.88
CA THR C 207 -27.21 0.74 -17.48
C THR C 207 -28.01 -0.03 -16.43
N GLY C 208 -27.32 -0.78 -15.58
CA GLY C 208 -27.94 -1.53 -14.49
C GLY C 208 -28.64 -0.64 -13.48
N ALA C 209 -28.00 0.47 -13.13
CA ALA C 209 -28.56 1.45 -12.19
C ALA C 209 -29.81 2.11 -12.74
N LYS C 210 -29.79 2.46 -14.03
CA LYS C 210 -30.95 3.05 -14.71
C LYS C 210 -32.17 2.14 -14.61
N MET C 211 -31.94 0.83 -14.79
CA MET C 211 -33.00 -0.18 -14.69
C MET C 211 -33.60 -0.27 -13.29
N LEU C 212 -32.77 -0.14 -12.26
CA LEU C 212 -33.25 -0.11 -10.88
C LEU C 212 -33.98 1.20 -10.55
N ALA C 213 -33.47 2.30 -11.09
CA ALA C 213 -34.00 3.64 -10.82
C ALA C 213 -35.41 3.84 -11.38
N SER C 214 -35.70 3.18 -12.50
CA SER C 214 -37.02 3.26 -13.14
C SER C 214 -38.18 2.88 -12.21
N PHE C 215 -37.87 2.11 -11.17
CA PHE C 215 -38.87 1.70 -10.18
C PHE C 215 -39.28 2.80 -9.20
N LEU C 216 -38.56 3.92 -9.22
CA LEU C 216 -38.86 5.05 -8.34
C LEU C 216 -40.03 5.88 -8.89
N HIS D 1 7.91 -15.38 8.46
CA HIS D 1 7.37 -16.73 8.77
C HIS D 1 6.72 -16.77 10.15
N MET D 2 7.07 -15.81 11.00
CA MET D 2 6.50 -15.65 12.35
C MET D 2 6.40 -14.18 12.72
N PRO D 3 5.37 -13.80 13.49
CA PRO D 3 5.33 -12.42 13.98
C PRO D 3 6.49 -12.14 14.93
N VAL D 4 7.06 -10.94 14.85
CA VAL D 4 8.23 -10.58 15.66
C VAL D 4 7.90 -10.43 17.15
N GLN D 5 6.62 -10.19 17.42
CA GLN D 5 6.08 -10.18 18.77
C GLN D 5 4.66 -10.75 18.71
N PRO D 6 4.14 -11.28 19.84
CA PRO D 6 2.79 -11.82 19.85
C PRO D 6 1.75 -10.83 19.31
N ILE D 7 0.92 -11.31 18.40
CA ILE D 7 -0.17 -10.52 17.84
C ILE D 7 -1.20 -10.22 18.92
N LYS D 8 -1.63 -8.96 18.98
CA LYS D 8 -2.67 -8.53 19.93
C LYS D 8 -4.06 -8.65 19.32
N LEU D 9 -5.01 -9.10 20.13
CA LEU D 9 -6.40 -9.13 19.71
C LEU D 9 -7.28 -8.42 20.74
N TYR D 10 -7.94 -7.37 20.30
CA TYR D 10 -8.95 -6.71 21.09
C TYR D 10 -10.24 -7.51 20.93
N TYR D 11 -10.78 -7.98 22.05
CA TYR D 11 -11.80 -9.03 22.04
C TYR D 11 -12.72 -9.00 23.26
N LEU D 12 -13.79 -9.79 23.20
CA LEU D 12 -14.54 -10.21 24.38
C LEU D 12 -14.89 -11.70 24.23
N PRO D 13 -14.71 -12.49 25.31
CA PRO D 13 -14.87 -13.95 25.24
C PRO D 13 -16.16 -14.51 24.59
N PRO D 14 -17.33 -13.87 24.77
CA PRO D 14 -18.51 -14.45 24.13
C PRO D 14 -18.76 -14.01 22.69
N SER D 15 -18.01 -13.02 22.20
CA SER D 15 -18.19 -12.52 20.84
C SER D 15 -17.92 -13.59 19.79
N PRO D 16 -18.96 -13.96 19.00
CA PRO D 16 -18.80 -14.97 17.96
C PRO D 16 -17.64 -14.71 16.96
N PRO D 17 -17.51 -13.48 16.43
CA PRO D 17 -16.35 -13.23 15.56
C PRO D 17 -14.99 -13.34 16.25
N CYS D 18 -14.92 -12.94 17.52
CA CYS D 18 -13.68 -13.11 18.31
C CYS D 18 -13.33 -14.58 18.49
N ARG D 19 -14.32 -15.40 18.80
CA ARG D 19 -14.12 -16.83 19.01
C ARG D 19 -13.59 -17.54 17.75
N ALA D 20 -14.08 -17.12 16.58
CA ALA D 20 -13.60 -17.63 15.30
C ALA D 20 -12.12 -17.36 15.08
N VAL D 21 -11.69 -16.14 15.41
CA VAL D 21 -10.28 -15.75 15.29
C VAL D 21 -9.41 -16.52 16.29
N MET D 22 -9.83 -16.52 17.56
CA MET D 22 -9.10 -17.21 18.62
C MET D 22 -8.83 -18.68 18.30
N MET D 23 -9.85 -19.40 17.83
CA MET D 23 -9.68 -20.80 17.45
C MET D 23 -8.77 -20.97 16.23
N THR D 24 -8.84 -20.04 15.28
CA THR D 24 -7.98 -20.06 14.11
C THR D 24 -6.51 -19.90 14.50
N ALA D 25 -6.21 -18.93 15.37
CA ALA D 25 -4.87 -18.72 15.91
C ALA D 25 -4.31 -19.98 16.61
N ARG D 26 -5.16 -20.65 17.39
CA ARG D 26 -4.76 -21.86 18.12
C ARG D 26 -4.39 -23.00 17.16
N VAL D 27 -5.16 -23.15 16.09
CA VAL D 27 -4.87 -24.18 15.08
C VAL D 27 -3.55 -23.89 14.35
N LEU D 28 -3.27 -22.61 14.12
CA LEU D 28 -2.03 -22.20 13.48
C LEU D 28 -0.85 -22.12 14.45
N GLU D 29 -1.11 -22.40 15.72
CA GLU D 29 -0.11 -22.36 16.79
C GLU D 29 0.49 -20.95 16.93
N LEU D 30 -0.40 -19.96 17.01
CA LEU D 30 0.00 -18.56 17.20
C LEU D 30 -0.57 -18.07 18.52
N ASP D 31 0.30 -17.52 19.37
CA ASP D 31 -0.17 -16.98 20.64
C ASP D 31 -0.65 -15.55 20.49
N LEU D 32 -1.92 -15.36 20.79
CA LEU D 32 -2.49 -14.03 20.82
C LEU D 32 -2.26 -13.44 22.20
N HIS D 33 -1.90 -12.16 22.22
CA HIS D 33 -1.96 -11.40 23.45
C HIS D 33 -3.32 -10.71 23.51
N LEU D 34 -4.21 -11.37 24.23
CA LEU D 34 -5.61 -10.99 24.32
C LEU D 34 -5.80 -9.74 25.17
N ILE D 35 -6.53 -8.78 24.63
CA ILE D 35 -6.83 -7.54 25.34
C ILE D 35 -8.34 -7.36 25.47
N THR D 36 -8.83 -7.54 26.69
CA THR D 36 -10.25 -7.34 27.00
C THR D 36 -10.67 -5.93 26.58
N THR D 37 -11.67 -5.88 25.70
CA THR D 37 -12.28 -4.62 25.26
C THR D 37 -13.78 -4.73 25.46
N ASN D 38 -14.24 -4.30 26.63
CA ASN D 38 -15.65 -4.44 26.99
C ASN D 38 -16.54 -3.43 26.29
N ILE D 39 -17.34 -3.93 25.35
CA ILE D 39 -18.19 -3.11 24.48
C ILE D 39 -19.33 -2.43 25.24
N MET D 40 -20.01 -3.16 26.13
CA MET D 40 -21.06 -2.56 26.95
C MET D 40 -20.49 -1.74 28.11
N ASN D 41 -19.19 -1.52 28.10
CA ASN D 41 -18.56 -0.53 28.97
C ASN D 41 -18.07 0.67 28.16
N GLY D 42 -18.25 0.59 26.85
CA GLY D 42 -17.86 1.66 25.92
C GLY D 42 -16.37 1.78 25.68
N GLU D 43 -15.63 0.71 25.98
CA GLU D 43 -14.17 0.69 25.88
C GLU D 43 -13.66 0.68 24.43
N HIS D 44 -14.58 0.43 23.50
CA HIS D 44 -14.30 0.47 22.07
C HIS D 44 -14.52 1.87 21.51
N MET D 45 -14.89 2.81 22.37
CA MET D 45 -15.24 4.16 21.94
C MET D 45 -14.28 5.25 22.43
N THR D 46 -13.16 4.83 23.02
CA THR D 46 -12.08 5.75 23.41
C THR D 46 -11.44 6.35 22.15
N PRO D 47 -10.95 7.60 22.23
CA PRO D 47 -10.30 8.21 21.05
C PRO D 47 -9.14 7.37 20.53
N GLU D 48 -8.48 6.63 21.42
CA GLU D 48 -7.39 5.74 21.05
C GLU D 48 -7.89 4.56 20.21
N TYR D 49 -9.03 3.99 20.58
CA TYR D 49 -9.59 2.85 19.85
C TYR D 49 -10.11 3.27 18.48
N LEU D 50 -10.79 4.42 18.45
CA LEU D 50 -11.35 4.98 17.21
C LEU D 50 -10.29 5.38 16.19
N LYS D 51 -9.12 5.79 16.68
CA LYS D 51 -7.98 6.10 15.83
C LYS D 51 -7.42 4.80 15.23
N MET D 52 -7.45 3.73 16.01
CA MET D 52 -7.00 2.43 15.56
C MET D 52 -8.03 1.80 14.61
N ASN D 53 -9.28 1.74 15.05
CA ASN D 53 -10.38 1.20 14.26
C ASN D 53 -11.58 2.15 14.30
N PRO D 54 -11.79 2.93 13.22
CA PRO D 54 -12.88 3.92 13.14
C PRO D 54 -14.28 3.29 13.13
N GLN D 55 -14.35 2.00 12.79
CA GLN D 55 -15.62 1.28 12.81
C GLN D 55 -15.95 0.80 14.23
N HIS D 56 -14.99 0.95 15.14
CA HIS D 56 -15.12 0.57 16.56
C HIS D 56 -15.82 -0.77 16.77
N THR D 57 -15.19 -1.81 16.23
CA THR D 57 -15.69 -3.17 16.35
C THR D 57 -14.65 -4.07 17.00
N ILE D 58 -15.13 -5.14 17.62
CA ILE D 58 -14.28 -6.26 18.00
C ILE D 58 -14.70 -7.47 17.14
N PRO D 59 -13.74 -8.35 16.78
CA PRO D 59 -12.32 -8.33 17.07
C PRO D 59 -11.54 -7.32 16.22
N THR D 60 -10.53 -6.72 16.83
CA THR D 60 -9.57 -5.92 16.09
C THR D 60 -8.19 -6.50 16.37
N MET D 61 -7.43 -6.73 15.30
CA MET D 61 -6.10 -7.31 15.39
C MET D 61 -5.03 -6.23 15.24
N ASP D 62 -4.02 -6.28 16.10
CA ASP D 62 -2.81 -5.48 15.94
C ASP D 62 -1.61 -6.40 15.85
N ASP D 63 -1.10 -6.60 14.64
CA ASP D 63 0.09 -7.39 14.41
C ASP D 63 1.31 -6.49 14.28
N ASN D 64 1.92 -6.16 15.41
CA ASN D 64 3.15 -5.34 15.45
C ASN D 64 2.98 -4.05 14.63
N GLY D 65 1.86 -3.36 14.84
CA GLY D 65 1.60 -2.10 14.13
C GLY D 65 0.62 -2.20 12.97
N PHE D 66 0.47 -3.40 12.40
CA PHE D 66 -0.50 -3.62 11.32
C PHE D 66 -1.89 -3.90 11.89
N ILE D 67 -2.85 -3.04 11.56
CA ILE D 67 -4.20 -3.11 12.12
C ILE D 67 -5.18 -3.75 11.15
N LEU D 68 -6.04 -4.62 11.68
CA LEU D 68 -7.04 -5.31 10.88
C LEU D 68 -8.28 -5.65 11.70
N TRP D 69 -9.45 -5.41 11.13
CA TRP D 69 -10.70 -5.90 11.71
C TRP D 69 -11.50 -6.71 10.67
N GLU D 70 -12.70 -7.15 11.05
CA GLU D 70 -13.46 -8.18 10.32
C GLU D 70 -12.83 -9.55 10.52
N SER D 71 -13.51 -10.39 11.30
CA SER D 71 -13.00 -11.70 11.72
C SER D 71 -12.50 -12.58 10.58
N ARG D 72 -13.25 -12.61 9.48
CA ARG D 72 -12.94 -13.51 8.37
C ARG D 72 -11.71 -13.04 7.57
N ALA D 73 -11.52 -11.73 7.51
CA ALA D 73 -10.29 -11.14 6.96
C ALA D 73 -9.07 -11.47 7.84
N ILE D 74 -9.25 -11.37 9.15
CA ILE D 74 -8.20 -11.74 10.11
C ILE D 74 -7.81 -13.22 9.99
N GLN D 75 -8.81 -14.10 9.91
CA GLN D 75 -8.56 -15.55 9.77
C GLN D 75 -7.67 -15.87 8.58
N THR D 76 -8.03 -15.34 7.42
CA THR D 76 -7.30 -15.62 6.19
C THR D 76 -5.93 -14.94 6.18
N TYR D 77 -5.83 -13.76 6.81
CA TYR D 77 -4.54 -13.10 6.97
C TYR D 77 -3.57 -13.96 7.77
N LEU D 78 -4.02 -14.43 8.92
CA LEU D 78 -3.19 -15.27 9.79
C LEU D 78 -2.65 -16.48 9.03
N VAL D 79 -3.48 -17.09 8.19
CA VAL D 79 -3.04 -18.22 7.38
C VAL D 79 -2.08 -17.79 6.25
N ASN D 80 -2.43 -16.72 5.55
CA ASN D 80 -1.59 -16.21 4.45
C ASN D 80 -0.20 -15.78 4.90
N ALA D 81 -0.15 -15.09 6.05
CA ALA D 81 1.09 -14.53 6.55
C ALA D 81 1.91 -15.52 7.37
N TYR D 82 1.23 -16.27 8.25
CA TYR D 82 1.91 -17.03 9.29
C TYR D 82 1.61 -18.53 9.31
N GLY D 83 0.88 -19.00 8.30
CA GLY D 83 0.66 -20.43 8.13
C GLY D 83 1.96 -21.15 7.83
N LYS D 84 2.16 -22.29 8.47
CA LYS D 84 3.33 -23.12 8.22
C LYS D 84 3.08 -23.99 6.99
N ASP D 85 1.80 -24.35 6.82
CA ASP D 85 1.27 -24.81 5.55
C ASP D 85 0.00 -24.00 5.28
N ASP D 86 -0.55 -24.13 4.08
CA ASP D 86 -1.76 -23.41 3.71
C ASP D 86 -3.03 -24.28 3.80
N SER D 87 -2.93 -25.41 4.48
CA SER D 87 -4.02 -26.40 4.52
C SER D 87 -5.38 -25.85 4.97
N LEU D 88 -5.35 -24.86 5.86
CA LEU D 88 -6.55 -24.18 6.32
C LEU D 88 -7.12 -23.20 5.28
N TYR D 89 -6.32 -22.85 4.28
CA TYR D 89 -6.70 -21.87 3.27
C TYR D 89 -5.74 -21.96 2.07
N PRO D 90 -5.87 -23.04 1.27
CA PRO D 90 -4.91 -23.31 0.18
C PRO D 90 -4.81 -22.20 -0.84
N LYS D 91 -3.64 -22.09 -1.46
CA LYS D 91 -3.36 -21.10 -2.49
C LYS D 91 -3.99 -21.46 -3.83
N ASN D 92 -4.22 -22.76 -4.04
CA ASN D 92 -4.93 -23.26 -5.23
C ASN D 92 -6.21 -22.46 -5.46
N PRO D 93 -6.30 -21.76 -6.61
CA PRO D 93 -7.39 -20.81 -6.87
C PRO D 93 -8.80 -21.37 -6.70
N ARG D 94 -9.04 -22.60 -7.13
CA ARG D 94 -10.37 -23.23 -7.03
C ARG D 94 -10.74 -23.61 -5.59
N GLN D 95 -9.81 -24.25 -4.88
CA GLN D 95 -9.99 -24.57 -3.46
C GLN D 95 -10.16 -23.31 -2.61
N ARG D 96 -9.35 -22.28 -2.88
CA ARG D 96 -9.48 -21.00 -2.21
C ARG D 96 -10.85 -20.37 -2.45
N ALA D 97 -11.32 -20.45 -3.70
CA ALA D 97 -12.60 -19.86 -4.10
C ALA D 97 -13.80 -20.50 -3.39
N ILE D 98 -13.77 -21.81 -3.22
CA ILE D 98 -14.82 -22.51 -2.47
C ILE D 98 -14.83 -22.01 -1.02
N ILE D 99 -13.66 -21.92 -0.41
CA ILE D 99 -13.53 -21.39 0.95
C ILE D 99 -14.05 -19.96 1.05
N ASP D 100 -13.66 -19.10 0.11
CA ASP D 100 -14.13 -17.71 0.08
C ASP D 100 -15.65 -17.62 -0.03
N GLN D 101 -16.22 -18.47 -0.88
CA GLN D 101 -17.67 -18.58 -1.03
C GLN D 101 -18.35 -18.95 0.30
N ARG D 102 -17.79 -19.93 1.00
CA ARG D 102 -18.32 -20.36 2.31
C ARG D 102 -18.23 -19.24 3.35
N LEU D 103 -17.14 -18.47 3.32
CA LEU D 103 -16.95 -17.33 4.24
C LEU D 103 -17.97 -16.23 3.95
N ASN D 104 -18.23 -15.96 2.67
CA ASN D 104 -19.26 -15.01 2.26
C ASN D 104 -20.67 -15.50 2.61
N PHE D 105 -20.90 -16.80 2.45
CA PHE D 105 -22.12 -17.46 2.93
C PHE D 105 -22.30 -17.23 4.43
N ASP D 106 -21.24 -17.49 5.19
CA ASP D 106 -21.29 -17.35 6.65
C ASP D 106 -21.62 -15.93 7.08
N LEU D 107 -20.90 -14.95 6.54
CA LEU D 107 -21.13 -13.55 6.88
C LEU D 107 -22.49 -13.05 6.40
N GLY D 108 -22.77 -13.24 5.11
CA GLY D 108 -23.95 -12.63 4.47
C GLY D 108 -25.25 -13.41 4.55
N THR D 109 -25.17 -14.70 4.86
CA THR D 109 -26.38 -15.52 4.95
C THR D 109 -26.54 -16.18 6.32
N LEU D 110 -25.64 -17.08 6.71
CA LEU D 110 -25.78 -17.82 7.96
C LEU D 110 -25.78 -16.95 9.22
N TYR D 111 -24.71 -16.18 9.42
CA TYR D 111 -24.57 -15.35 10.62
C TYR D 111 -25.65 -14.25 10.68
N LEU D 112 -25.92 -13.63 9.55
CA LEU D 112 -26.96 -12.61 9.44
C LEU D 112 -28.32 -13.13 9.89
N ARG D 113 -28.70 -14.31 9.40
CA ARG D 113 -29.99 -14.89 9.76
C ARG D 113 -30.02 -15.39 11.20
N TYR D 114 -28.87 -15.85 11.69
CA TYR D 114 -28.68 -16.15 13.11
C TYR D 114 -28.94 -14.90 13.97
N LEU D 115 -28.36 -13.77 13.55
CA LEU D 115 -28.56 -12.48 14.23
C LEU D 115 -30.01 -12.05 14.23
N ASN D 116 -30.64 -12.06 13.05
CA ASN D 116 -32.04 -11.68 12.91
C ASN D 116 -32.97 -12.49 13.81
N LEU D 117 -32.67 -13.78 13.94
CA LEU D 117 -33.46 -14.69 14.77
C LEU D 117 -33.26 -14.47 16.26
N TYR D 118 -32.00 -14.47 16.70
CA TYR D 118 -31.67 -14.55 18.14
C TYR D 118 -31.46 -13.24 18.89
N THR D 119 -31.01 -12.19 18.20
CA THR D 119 -30.81 -10.88 18.83
C THR D 119 -32.07 -10.39 19.57
N PRO D 120 -33.25 -10.38 18.89
CA PRO D 120 -34.49 -10.03 19.58
C PRO D 120 -34.76 -10.86 20.84
N ILE D 121 -34.41 -12.15 20.82
CA ILE D 121 -34.67 -13.06 21.93
C ILE D 121 -33.69 -12.84 23.11
N LEU D 122 -32.39 -12.83 22.81
CA LEU D 122 -31.35 -12.74 23.83
C LEU D 122 -31.32 -11.40 24.57
N PHE D 123 -31.12 -10.32 23.83
CA PHE D 123 -30.89 -9.00 24.42
C PHE D 123 -32.14 -8.31 24.95
N ARG D 124 -33.22 -8.39 24.17
CA ARG D 124 -34.49 -7.81 24.59
C ARG D 124 -35.47 -8.92 24.96
N GLY D 125 -36.44 -8.60 25.79
CA GLY D 125 -37.55 -9.51 26.06
C GLY D 125 -38.44 -9.54 24.84
N GLU D 126 -38.43 -10.69 24.14
CA GLU D 126 -39.21 -10.85 22.91
C GLU D 126 -39.32 -12.32 22.54
N ALA D 127 -40.47 -12.69 21.97
CA ALA D 127 -40.70 -14.06 21.50
C ALA D 127 -39.91 -14.31 20.21
N TYR D 128 -39.92 -15.57 19.76
CA TYR D 128 -39.30 -15.93 18.48
C TYR D 128 -40.21 -15.47 17.33
N ASP D 129 -39.60 -15.26 16.17
CA ASP D 129 -40.33 -14.88 14.97
C ASP D 129 -40.35 -16.05 13.99
N GLN D 130 -41.55 -16.39 13.51
CA GLN D 130 -41.78 -17.53 12.63
C GLN D 130 -41.07 -17.39 11.28
N GLU D 131 -41.23 -16.21 10.66
CA GLU D 131 -40.59 -15.88 9.40
C GLU D 131 -39.07 -15.95 9.54
N LYS D 132 -38.55 -15.38 10.64
CA LYS D 132 -37.11 -15.32 10.90
C LYS D 132 -36.49 -16.69 11.17
N ALA D 133 -37.21 -17.54 11.89
CA ALA D 133 -36.75 -18.91 12.15
C ALA D 133 -36.75 -19.76 10.88
N ASP D 134 -37.75 -19.53 10.03
CA ASP D 134 -37.86 -20.20 8.73
C ASP D 134 -36.67 -19.85 7.83
N LYS D 135 -36.29 -18.57 7.83
CA LYS D 135 -35.13 -18.10 7.09
C LYS D 135 -33.84 -18.71 7.60
N PHE D 136 -33.71 -18.83 8.93
CA PHE D 136 -32.52 -19.43 9.50
C PHE D 136 -32.42 -20.91 9.18
N ASP D 137 -33.54 -21.63 9.29
CA ASP D 137 -33.55 -23.05 8.99
C ASP D 137 -33.25 -23.33 7.52
N GLU D 138 -33.67 -22.41 6.65
CA GLU D 138 -33.35 -22.53 5.23
C GLU D 138 -31.85 -22.40 4.99
N ALA D 139 -31.20 -21.49 5.71
CA ALA D 139 -29.74 -21.35 5.65
C ALA D 139 -29.04 -22.63 6.13
N LEU D 140 -29.60 -23.27 7.16
CA LEU D 140 -29.10 -24.56 7.64
C LEU D 140 -29.24 -25.66 6.58
N GLY D 141 -30.36 -25.66 5.86
CA GLY D 141 -30.57 -26.60 4.76
C GLY D 141 -29.54 -26.43 3.66
N TRP D 142 -29.21 -25.18 3.36
CA TRP D 142 -28.16 -24.85 2.40
C TRP D 142 -26.80 -25.38 2.87
N LEU D 143 -26.43 -25.08 4.11
CA LEU D 143 -25.20 -25.59 4.71
C LEU D 143 -25.13 -27.11 4.68
N ASN D 144 -26.25 -27.76 5.01
CA ASN D 144 -26.37 -29.22 4.95
C ASN D 144 -26.04 -29.77 3.57
N THR D 145 -26.55 -29.10 2.54
CA THR D 145 -26.30 -29.44 1.15
C THR D 145 -24.83 -29.22 0.76
N PHE D 146 -24.20 -28.16 1.28
CA PHE D 146 -22.77 -27.93 1.02
C PHE D 146 -21.93 -29.10 1.52
N LEU D 147 -22.43 -29.77 2.55
CA LEU D 147 -21.74 -30.91 3.15
C LEU D 147 -22.07 -32.28 2.52
N ASP D 148 -22.82 -32.27 1.42
CA ASP D 148 -23.14 -33.51 0.69
C ASP D 148 -21.87 -34.16 0.15
N GLY D 149 -21.55 -35.34 0.67
CA GLY D 149 -20.40 -36.11 0.20
C GLY D 149 -19.03 -35.53 0.50
N ARG D 150 -18.95 -34.65 1.50
CA ARG D 150 -17.67 -34.12 1.96
C ARG D 150 -17.64 -33.99 3.49
N PRO D 151 -16.47 -34.27 4.10
CA PRO D 151 -16.33 -34.20 5.56
C PRO D 151 -16.33 -32.77 6.12
N PHE D 152 -15.88 -31.81 5.32
CA PHE D 152 -15.84 -30.40 5.75
C PHE D 152 -16.45 -29.49 4.70
N VAL D 153 -16.81 -28.26 5.08
CA VAL D 153 -17.64 -27.40 4.23
C VAL D 153 -17.06 -27.07 2.85
N ALA D 154 -15.73 -27.14 2.73
CA ALA D 154 -15.07 -26.80 1.47
C ALA D 154 -14.29 -27.95 0.83
N GLY D 155 -14.42 -29.16 1.38
CA GLY D 155 -13.74 -30.32 0.82
C GLY D 155 -13.29 -31.34 1.85
N GLU D 156 -12.15 -31.98 1.58
CA GLU D 156 -11.65 -33.09 2.40
C GLU D 156 -10.96 -32.63 3.69
N ASN D 157 -10.54 -31.38 3.72
CA ASN D 157 -9.77 -30.85 4.84
C ASN D 157 -10.52 -29.73 5.55
N MET D 158 -10.28 -29.61 6.86
CA MET D 158 -10.85 -28.51 7.62
C MET D 158 -10.18 -27.21 7.21
N THR D 159 -10.99 -26.16 7.05
CA THR D 159 -10.51 -24.86 6.60
C THR D 159 -11.01 -23.79 7.56
N VAL D 160 -10.58 -22.55 7.36
CA VAL D 160 -11.04 -21.42 8.18
C VAL D 160 -12.56 -21.25 8.13
N ALA D 161 -13.17 -21.66 7.01
CA ALA D 161 -14.63 -21.62 6.86
C ALA D 161 -15.33 -22.51 7.89
N ASP D 162 -14.82 -23.72 8.09
CA ASP D 162 -15.36 -24.62 9.13
C ASP D 162 -15.30 -23.96 10.50
N ILE D 163 -14.21 -23.26 10.77
CA ILE D 163 -13.95 -22.67 12.09
C ILE D 163 -14.89 -21.51 12.41
N THR D 164 -15.18 -20.66 11.43
CA THR D 164 -16.13 -19.56 11.65
C THR D 164 -17.58 -20.04 11.68
N ILE D 165 -17.91 -21.03 10.85
CA ILE D 165 -19.26 -21.60 10.81
C ILE D 165 -19.58 -22.42 12.06
N VAL D 166 -18.60 -23.16 12.58
CA VAL D 166 -18.82 -23.97 13.79
C VAL D 166 -19.25 -23.12 15.00
N VAL D 167 -18.76 -21.88 15.07
CA VAL D 167 -19.11 -20.95 16.15
C VAL D 167 -20.62 -20.75 16.22
N THR D 168 -21.25 -20.54 15.07
CA THR D 168 -22.70 -20.34 14.98
C THR D 168 -23.48 -21.58 15.39
N ILE D 169 -23.01 -22.75 14.97
CA ILE D 169 -23.65 -24.02 15.36
C ILE D 169 -23.45 -24.28 16.85
N THR D 170 -22.25 -23.99 17.36
CA THR D 170 -21.97 -24.09 18.79
C THR D 170 -22.98 -23.24 19.58
N ASN D 171 -23.29 -22.05 19.06
CA ASN D 171 -24.26 -21.16 19.69
C ASN D 171 -25.69 -21.69 19.68
N ILE D 172 -26.18 -22.13 18.53
CA ILE D 172 -27.57 -22.62 18.43
C ILE D 172 -27.78 -23.92 19.23
N ASP D 173 -26.73 -24.74 19.31
CA ASP D 173 -26.74 -25.94 20.14
C ASP D 173 -26.90 -25.57 21.62
N ALA D 174 -26.13 -24.58 22.07
CA ALA D 174 -26.22 -24.09 23.45
C ALA D 174 -27.58 -23.45 23.75
N PHE D 175 -28.20 -22.86 22.74
CA PHE D 175 -29.53 -22.24 22.89
C PHE D 175 -30.69 -23.23 22.73
N GLY D 176 -30.37 -24.52 22.62
CA GLY D 176 -31.40 -25.55 22.54
C GLY D 176 -32.09 -25.69 21.20
N TYR D 177 -31.44 -25.21 20.15
CA TYR D 177 -31.94 -25.36 18.78
C TYR D 177 -31.71 -26.78 18.30
N ASP D 178 -32.77 -27.43 17.83
CA ASP D 178 -32.66 -28.79 17.32
C ASP D 178 -32.39 -28.79 15.82
N PHE D 179 -31.19 -29.24 15.44
CA PHE D 179 -30.81 -29.36 14.04
C PHE D 179 -30.48 -30.80 13.65
N SER D 180 -31.00 -31.75 14.43
CA SER D 180 -30.78 -33.19 14.19
C SER D 180 -31.25 -33.65 12.81
N SER D 181 -32.28 -32.99 12.28
CA SER D 181 -32.82 -33.31 10.96
C SER D 181 -31.85 -32.96 9.83
N HIS D 182 -30.92 -32.05 10.11
CA HIS D 182 -29.85 -31.72 9.17
C HIS D 182 -28.69 -32.66 9.44
N GLU D 183 -28.84 -33.89 8.95
CA GLU D 183 -27.95 -35.00 9.33
C GLU D 183 -26.49 -34.75 8.94
N ASN D 184 -26.27 -34.11 7.80
CA ASN D 184 -24.92 -33.70 7.41
C ASN D 184 -24.30 -32.71 8.40
N ILE D 185 -25.10 -31.77 8.91
CA ILE D 185 -24.63 -30.81 9.91
C ILE D 185 -24.30 -31.50 11.24
N ALA D 186 -25.21 -32.35 11.71
CA ALA D 186 -25.03 -33.07 12.98
C ALA D 186 -23.71 -33.85 13.01
N LYS D 187 -23.44 -34.57 11.92
CA LYS D 187 -22.22 -35.37 11.79
C LYS D 187 -20.96 -34.51 11.62
N TRP D 188 -21.06 -33.44 10.84
CA TRP D 188 -19.96 -32.48 10.67
C TRP D 188 -19.62 -31.78 11.98
N PHE D 189 -20.65 -31.43 12.76
CA PHE D 189 -20.49 -30.79 14.06
C PHE D 189 -19.66 -31.65 15.01
N GLU D 190 -19.99 -32.94 15.10
CA GLU D 190 -19.23 -33.88 15.92
C GLU D 190 -17.78 -34.03 15.42
N ARG D 191 -17.64 -34.14 14.09
CA ARG D 191 -16.35 -34.22 13.43
C ARG D 191 -15.45 -33.00 13.70
N THR D 192 -16.04 -31.82 13.61
CA THR D 192 -15.30 -30.55 13.75
C THR D 192 -14.95 -30.26 15.20
N LYS D 193 -15.85 -30.58 16.13
CA LYS D 193 -15.58 -30.46 17.56
C LYS D 193 -14.34 -31.27 17.94
N LYS D 194 -14.28 -32.51 17.45
CA LYS D 194 -13.16 -33.40 17.70
C LYS D 194 -11.85 -32.89 17.07
N MET D 195 -11.97 -32.28 15.90
CA MET D 195 -10.83 -31.65 15.25
C MET D 195 -10.27 -30.49 16.07
N LEU D 196 -11.17 -29.80 16.76
CA LEU D 196 -10.82 -28.59 17.50
C LEU D 196 -10.58 -28.80 19.00
N GLU D 197 -10.81 -30.02 19.48
CA GLU D 197 -10.56 -30.38 20.89
C GLU D 197 -9.17 -29.96 21.38
N PRO D 198 -8.10 -30.41 20.68
CA PRO D 198 -6.74 -30.05 21.10
C PRO D 198 -6.40 -28.58 20.82
N TYR D 199 -7.35 -27.84 20.26
CA TYR D 199 -7.11 -26.44 19.90
C TYR D 199 -8.01 -25.46 20.64
N GLY D 200 -8.45 -25.85 21.83
CA GLY D 200 -9.16 -24.94 22.72
C GLY D 200 -10.64 -24.73 22.43
N TYR D 201 -11.29 -25.74 21.85
CA TYR D 201 -12.72 -25.66 21.56
C TYR D 201 -13.55 -25.34 22.80
N ASP D 202 -13.21 -25.99 23.92
CA ASP D 202 -13.95 -25.79 25.18
C ASP D 202 -13.71 -24.42 25.80
N GLU D 203 -12.45 -24.01 25.89
CA GLU D 203 -12.10 -22.75 26.55
C GLU D 203 -12.52 -21.51 25.75
N ILE D 204 -12.66 -21.66 24.44
CA ILE D 204 -13.05 -20.53 23.59
C ILE D 204 -14.53 -20.57 23.22
N ASP D 205 -14.95 -21.62 22.53
CA ASP D 205 -16.29 -21.67 21.92
C ASP D 205 -17.40 -22.10 22.88
N VAL D 206 -17.22 -23.23 23.56
CA VAL D 206 -18.19 -23.71 24.54
C VAL D 206 -18.38 -22.67 25.65
N THR D 207 -17.26 -22.17 26.18
CA THR D 207 -17.28 -21.15 27.21
C THR D 207 -17.98 -19.89 26.72
N GLY D 208 -17.65 -19.46 25.50
CA GLY D 208 -18.28 -18.31 24.86
C GLY D 208 -19.78 -18.47 24.70
N ALA D 209 -20.20 -19.64 24.23
CA ALA D 209 -21.62 -19.94 24.03
C ALA D 209 -22.41 -19.97 25.34
N LYS D 210 -21.81 -20.54 26.39
CA LYS D 210 -22.40 -20.55 27.73
C LYS D 210 -22.75 -19.13 28.19
N MET D 211 -21.81 -18.20 27.96
CA MET D 211 -21.97 -16.80 28.35
C MET D 211 -23.16 -16.14 27.66
N LEU D 212 -23.29 -16.35 26.35
CA LEU D 212 -24.42 -15.85 25.58
C LEU D 212 -25.72 -16.52 26.02
N ALA D 213 -25.64 -17.83 26.30
CA ALA D 213 -26.79 -18.62 26.71
C ALA D 213 -27.36 -18.21 28.07
N SER D 214 -26.53 -17.57 28.90
CA SER D 214 -26.97 -17.11 30.21
C SER D 214 -27.98 -15.95 30.12
N PHE D 215 -28.05 -15.31 28.95
CA PHE D 215 -29.01 -14.24 28.71
C PHE D 215 -30.43 -14.77 28.45
N LEU D 216 -30.56 -16.09 28.33
CA LEU D 216 -31.87 -16.73 28.19
C LEU D 216 -32.56 -16.89 29.54
#